data_1N9W
#
_entry.id   1N9W
#
_cell.length_a   57.361
_cell.length_b   122.554
_cell.length_c   167.137
_cell.angle_alpha   90.00
_cell.angle_beta   90.00
_cell.angle_gamma   90.00
#
_symmetry.space_group_name_H-M   'P 21 21 21'
#
loop_
_entity.id
_entity.type
_entity.pdbx_description
1 polymer 'aspartyl-tRNA synthetase 2'
2 water water
#
_entity_poly.entity_id   1
_entity_poly.type   'polypeptide(L)'
_entity_poly.pdbx_seq_one_letter_code
;MRVLVRDLKAHVGQEVELLGFLHWRRDLGRIQFLLLRDRSGVVQVVTGGLKLPLPESALRVRGLVVENAKAPGGLEVQAK
EVEVLSPALEPTPVEIPKEEWRANPDTLLEYRYVTLRGEKARAPLKVQAALVRGFRRYLDRQDFTEIFTPKVVRAGAEGG
SGLFGVDYFEKRAYLAQSPQLYKQIMVGVFERVYEVAPVWRMEEHHTSRHLNEYLSLDVEMGFIADEEDLMRLEEALLAE
MLEEALNTAGDEIRLLGATWPSFPQDIPRLTHAEAKRILKEELGYPVGQDLSEEAERLLGEYAKERWGSDWLFVTRYPRS
VRPFYTYPEEDGTTRSFDLLFRGLEITSGGQRIHRYEELLESLKAKGMDPEAFHGYLEVFKYGMPPHGGFAIGAERLTQK
LLGLPNVRYARAFPRDRHRLTP
;
_entity_poly.pdbx_strand_id   A,B
#
# COMPACT_ATOMS: atom_id res chain seq x y z
N MET A 1 5.50 18.54 27.15
CA MET A 1 4.95 17.94 25.90
C MET A 1 5.01 16.42 25.97
N ARG A 2 4.22 15.76 25.12
CA ARG A 2 4.17 14.30 25.12
C ARG A 2 5.49 13.66 24.75
N VAL A 3 5.83 12.61 25.51
CA VAL A 3 7.05 11.87 25.30
C VAL A 3 6.72 10.38 25.38
N LEU A 4 7.11 9.64 24.35
CA LEU A 4 6.87 8.20 24.30
C LEU A 4 7.85 7.46 25.21
N VAL A 5 7.39 6.33 25.74
CA VAL A 5 8.17 5.48 26.64
C VAL A 5 9.59 5.23 26.10
N ARG A 6 9.69 4.89 24.82
CA ARG A 6 10.98 4.61 24.20
C ARG A 6 11.93 5.81 24.24
N ASP A 7 11.37 7.00 24.43
CA ASP A 7 12.20 8.20 24.47
C ASP A 7 12.48 8.73 25.88
N LEU A 8 11.94 8.08 26.91
CA LEU A 8 12.15 8.54 28.28
C LEU A 8 13.62 8.59 28.70
N LYS A 9 14.40 7.64 28.19
CA LYS A 9 15.82 7.57 28.53
C LYS A 9 16.53 8.89 28.25
N ALA A 10 15.96 9.71 27.38
CA ALA A 10 16.57 10.99 27.04
C ALA A 10 15.90 12.16 27.75
N HIS A 11 15.13 11.86 28.80
CA HIS A 11 14.44 12.90 29.55
C HIS A 11 14.60 12.74 31.04
N VAL A 12 15.56 11.91 31.45
CA VAL A 12 15.80 11.68 32.87
C VAL A 12 15.99 13.02 33.57
N GLY A 13 15.29 13.19 34.69
CA GLY A 13 15.41 14.42 35.45
C GLY A 13 14.53 15.53 34.93
N GLN A 14 13.69 15.22 33.94
CA GLN A 14 12.80 16.22 33.38
C GLN A 14 11.34 15.86 33.61
N GLU A 15 10.49 16.87 33.42
CA GLU A 15 9.05 16.72 33.56
C GLU A 15 8.51 16.38 32.17
N VAL A 16 7.77 15.29 32.05
CA VAL A 16 7.22 14.90 30.76
C VAL A 16 5.74 14.58 30.87
N GLU A 17 5.13 14.29 29.72
CA GLU A 17 3.73 13.92 29.67
C GLU A 17 3.59 12.64 28.88
N LEU A 18 2.92 11.66 29.48
CA LEU A 18 2.74 10.37 28.84
C LEU A 18 1.26 10.21 28.48
N LEU A 19 1.01 9.39 27.46
CA LEU A 19 -0.34 9.07 27.01
C LEU A 19 -0.30 7.58 26.70
N GLY A 20 -1.28 6.84 27.20
CA GLY A 20 -1.31 5.42 26.95
C GLY A 20 -2.40 4.72 27.75
N PHE A 21 -2.24 3.43 27.98
CA PHE A 21 -3.24 2.69 28.73
C PHE A 21 -2.67 2.09 30.00
N LEU A 22 -3.56 1.80 30.94
CA LEU A 22 -3.16 1.22 32.21
C LEU A 22 -2.98 -0.29 32.02
N HIS A 23 -1.73 -0.69 31.78
CA HIS A 23 -1.37 -2.09 31.56
C HIS A 23 -1.55 -2.92 32.83
N TRP A 24 -1.09 -2.38 33.96
CA TRP A 24 -1.16 -3.05 35.25
C TRP A 24 -1.18 -1.99 36.36
N ARG A 25 -1.82 -2.31 37.49
CA ARG A 25 -1.88 -1.36 38.60
C ARG A 25 -1.90 -2.09 39.95
N ARG A 26 -1.65 -1.34 41.02
CA ARG A 26 -1.65 -1.88 42.37
C ARG A 26 -1.62 -0.76 43.40
N ASP A 27 -2.69 -0.67 44.20
CA ASP A 27 -2.78 0.36 45.23
C ASP A 27 -2.05 -0.09 46.48
N LEU A 28 -1.22 0.79 47.04
CA LEU A 28 -0.49 0.45 48.24
C LEU A 28 -0.80 1.41 49.39
N GLY A 29 -2.02 1.90 49.46
CA GLY A 29 -2.37 2.83 50.52
C GLY A 29 -2.50 4.23 49.99
N ARG A 30 -1.54 5.10 50.33
CA ARG A 30 -1.61 6.47 49.83
C ARG A 30 -0.81 6.62 48.53
N ILE A 31 -0.04 5.59 48.20
CA ILE A 31 0.73 5.57 46.97
C ILE A 31 0.37 4.31 46.18
N GLN A 32 0.43 4.42 44.86
CA GLN A 32 0.13 3.27 44.02
C GLN A 32 1.04 3.22 42.81
N PHE A 33 1.43 2.01 42.42
CA PHE A 33 2.30 1.81 41.28
C PHE A 33 1.49 1.40 40.05
N LEU A 34 1.80 2.04 38.93
CA LEU A 34 1.11 1.77 37.69
C LEU A 34 2.09 1.37 36.59
N LEU A 35 1.56 0.75 35.54
CA LEU A 35 2.34 0.38 34.39
C LEU A 35 1.56 1.02 33.26
N LEU A 36 2.17 1.98 32.58
CA LEU A 36 1.50 2.64 31.47
C LEU A 36 2.09 2.14 30.17
N ARG A 37 1.22 1.74 29.25
CA ARG A 37 1.64 1.23 27.95
C ARG A 37 1.21 2.13 26.81
N ASP A 38 2.17 2.56 26.00
CA ASP A 38 1.84 3.36 24.83
C ASP A 38 2.34 2.56 23.62
N ARG A 39 2.20 3.10 22.42
CA ARG A 39 2.62 2.41 21.20
C ARG A 39 4.10 2.07 21.13
N SER A 40 4.90 2.60 22.06
CA SER A 40 6.34 2.37 22.07
C SER A 40 6.85 1.53 23.24
N GLY A 41 5.99 1.21 24.20
CA GLY A 41 6.44 0.43 25.34
C GLY A 41 5.68 0.62 26.63
N VAL A 42 6.22 0.06 27.70
CA VAL A 42 5.60 0.14 29.02
C VAL A 42 6.55 0.78 30.03
N VAL A 43 6.01 1.64 30.88
CA VAL A 43 6.82 2.29 31.91
C VAL A 43 6.08 2.36 33.24
N GLN A 44 6.83 2.16 34.31
CA GLN A 44 6.28 2.22 35.66
C GLN A 44 6.00 3.67 36.03
N VAL A 45 4.87 3.88 36.69
CA VAL A 45 4.45 5.20 37.12
C VAL A 45 4.04 5.14 38.60
N VAL A 46 4.54 6.09 39.39
CA VAL A 46 4.23 6.15 40.83
C VAL A 46 3.29 7.33 41.06
N THR A 47 2.16 7.07 41.72
CA THR A 47 1.19 8.13 41.99
C THR A 47 0.86 8.20 43.49
N GLY A 48 0.09 9.22 43.88
CA GLY A 48 -0.29 9.36 45.28
C GLY A 48 -1.72 9.85 45.38
N GLY A 49 -2.49 9.28 46.30
CA GLY A 49 -3.87 9.69 46.48
C GLY A 49 -4.76 9.54 45.26
N LEU A 50 -4.43 8.58 44.40
CA LEU A 50 -5.20 8.34 43.18
C LEU A 50 -6.05 7.09 43.26
N LYS A 51 -7.32 7.23 42.92
CA LYS A 51 -8.25 6.09 42.92
C LYS A 51 -8.01 5.41 41.58
N LEU A 52 -7.28 4.30 41.59
CA LEU A 52 -6.96 3.57 40.38
C LEU A 52 -8.16 3.08 39.54
N PRO A 53 -8.19 3.41 38.23
CA PRO A 53 -9.28 2.99 37.34
C PRO A 53 -9.04 1.54 36.93
N LEU A 54 -10.02 0.91 36.29
CA LEU A 54 -9.82 -0.48 35.88
C LEU A 54 -8.71 -0.55 34.82
N PRO A 55 -8.07 -1.72 34.68
CA PRO A 55 -7.01 -1.90 33.70
C PRO A 55 -7.52 -1.58 32.29
N GLU A 56 -6.62 -1.20 31.41
CA GLU A 56 -6.96 -0.88 30.03
C GLU A 56 -7.59 0.50 29.84
N SER A 57 -7.55 1.30 30.91
CA SER A 57 -8.09 2.67 30.87
C SER A 57 -7.06 3.56 30.15
N ALA A 58 -7.55 4.58 29.46
CA ALA A 58 -6.69 5.51 28.77
C ALA A 58 -6.33 6.62 29.74
N LEU A 59 -5.03 6.86 29.92
CA LEU A 59 -4.56 7.88 30.85
C LEU A 59 -3.60 8.88 30.24
N ARG A 60 -3.49 10.01 30.93
CA ARG A 60 -2.57 11.08 30.58
C ARG A 60 -1.80 11.30 31.89
N VAL A 61 -0.49 11.10 31.84
CA VAL A 61 0.33 11.28 33.03
C VAL A 61 1.33 12.42 32.86
N ARG A 62 1.51 13.19 33.92
CA ARG A 62 2.46 14.29 33.90
C ARG A 62 3.33 14.13 35.13
N GLY A 63 4.64 14.03 34.92
CA GLY A 63 5.53 13.87 36.06
C GLY A 63 7.01 13.90 35.75
N LEU A 64 7.81 13.59 36.77
CA LEU A 64 9.25 13.59 36.66
C LEU A 64 9.81 12.21 36.32
N VAL A 65 10.72 12.16 35.34
CA VAL A 65 11.37 10.93 34.95
C VAL A 65 12.52 10.72 35.93
N VAL A 66 12.53 9.57 36.62
CA VAL A 66 13.58 9.27 37.60
C VAL A 66 14.19 7.90 37.32
N GLU A 67 15.50 7.77 37.51
CA GLU A 67 16.18 6.50 37.27
C GLU A 67 15.92 5.52 38.41
N ASN A 68 15.47 4.32 38.04
CA ASN A 68 15.18 3.28 39.03
C ASN A 68 15.64 1.95 38.44
N ALA A 69 16.81 1.49 38.88
CA ALA A 69 17.38 0.25 38.41
C ALA A 69 16.46 -0.96 38.61
N LYS A 70 15.46 -0.82 39.47
CA LYS A 70 14.55 -1.94 39.73
C LYS A 70 13.27 -1.84 38.91
N ALA A 71 13.19 -0.86 38.02
CA ALA A 71 12.01 -0.69 37.19
C ALA A 71 12.28 -1.03 35.72
N PRO A 72 11.24 -1.48 35.01
CA PRO A 72 11.36 -1.83 33.59
C PRO A 72 11.91 -0.66 32.79
N GLY A 73 13.09 -0.85 32.19
CA GLY A 73 13.68 0.23 31.40
C GLY A 73 14.73 0.97 32.20
N GLY A 74 14.78 0.68 33.50
CA GLY A 74 15.76 1.34 34.35
C GLY A 74 15.32 2.70 34.86
N LEU A 75 14.10 3.11 34.50
CA LEU A 75 13.58 4.40 34.93
C LEU A 75 12.08 4.35 35.24
N GLU A 76 11.56 5.42 35.84
CA GLU A 76 10.13 5.50 36.19
C GLU A 76 9.64 6.95 36.11
N VAL A 77 8.34 7.12 36.16
CA VAL A 77 7.78 8.45 36.13
C VAL A 77 7.03 8.72 37.42
N GLN A 78 7.49 9.71 38.18
CA GLN A 78 6.81 10.06 39.43
C GLN A 78 5.83 11.11 39.01
N ALA A 79 4.58 10.70 38.95
CA ALA A 79 3.49 11.57 38.51
C ALA A 79 3.02 12.64 39.47
N LYS A 80 2.92 13.87 38.98
CA LYS A 80 2.43 14.97 39.77
C LYS A 80 0.94 15.08 39.47
N GLU A 81 0.55 14.58 38.30
CA GLU A 81 -0.84 14.63 37.87
C GLU A 81 -1.22 13.47 36.97
N VAL A 82 -2.41 12.94 37.19
CA VAL A 82 -2.93 11.83 36.40
C VAL A 82 -4.37 12.10 36.03
N GLU A 83 -4.67 12.00 34.74
CA GLU A 83 -6.02 12.23 34.26
C GLU A 83 -6.53 10.99 33.52
N VAL A 84 -7.70 10.50 33.91
CA VAL A 84 -8.29 9.34 33.26
C VAL A 84 -9.11 9.84 32.09
N LEU A 85 -8.55 9.73 30.89
CA LEU A 85 -9.19 10.19 29.66
C LEU A 85 -10.40 9.36 29.28
N SER A 86 -10.31 8.06 29.52
CA SER A 86 -11.40 7.17 29.19
C SER A 86 -11.37 5.95 30.10
N PRO A 87 -12.23 5.93 31.12
CA PRO A 87 -12.35 4.85 32.10
C PRO A 87 -12.87 3.56 31.49
N ALA A 88 -12.22 2.45 31.83
CA ALA A 88 -12.64 1.14 31.35
C ALA A 88 -13.78 0.70 32.27
N LEU A 89 -14.77 0.02 31.70
CA LEU A 89 -15.91 -0.41 32.51
C LEU A 89 -15.77 -1.84 33.01
N GLU A 90 -15.89 -2.80 32.10
CA GLU A 90 -15.78 -4.20 32.50
C GLU A 90 -14.33 -4.64 32.66
N PRO A 91 -14.10 -5.70 33.47
CA PRO A 91 -12.74 -6.20 33.66
C PRO A 91 -12.37 -6.82 32.32
N THR A 92 -11.10 -7.07 32.08
CA THR A 92 -10.68 -7.64 30.82
C THR A 92 -10.72 -9.17 30.85
N PRO A 93 -11.29 -9.79 29.81
CA PRO A 93 -11.40 -11.25 29.72
C PRO A 93 -10.06 -11.95 29.96
N TYR A 111 -12.07 -9.97 23.84
CA TYR A 111 -11.24 -11.00 23.24
C TYR A 111 -10.14 -10.40 22.37
N ARG A 112 -10.29 -10.51 21.05
CA ARG A 112 -9.28 -9.98 20.12
C ARG A 112 -9.23 -8.46 20.17
N TYR A 113 -10.40 -7.83 20.14
CA TYR A 113 -10.53 -6.38 20.16
C TYR A 113 -9.82 -5.70 21.33
N VAL A 114 -9.24 -6.50 22.23
CA VAL A 114 -8.54 -5.94 23.38
C VAL A 114 -7.21 -6.66 23.65
N THR A 115 -7.17 -7.95 23.37
CA THR A 115 -5.96 -8.74 23.60
C THR A 115 -4.82 -8.35 22.64
N LEU A 116 -5.18 -7.79 21.49
CA LEU A 116 -4.20 -7.37 20.50
C LEU A 116 -3.33 -6.23 21.02
N ARG A 117 -3.84 -5.51 22.01
CA ARG A 117 -3.15 -4.38 22.61
C ARG A 117 -1.84 -4.77 23.27
N GLY A 118 -1.73 -6.04 23.64
CA GLY A 118 -0.51 -6.50 24.29
C GLY A 118 0.71 -6.29 23.42
N GLU A 119 1.85 -6.02 24.04
CA GLU A 119 3.08 -5.78 23.30
C GLU A 119 3.45 -6.94 22.37
N LYS A 120 3.30 -8.18 22.83
CA LYS A 120 3.65 -9.31 22.00
C LYS A 120 2.59 -9.60 20.93
N ALA A 121 1.34 -9.28 21.23
CA ALA A 121 0.27 -9.51 20.29
C ALA A 121 0.41 -8.63 19.04
N ARG A 122 0.61 -7.32 19.26
CA ARG A 122 0.74 -6.36 18.17
C ARG A 122 2.12 -6.36 17.50
N ALA A 123 3.13 -6.88 18.18
CA ALA A 123 4.49 -6.90 17.64
C ALA A 123 4.58 -7.42 16.19
N PRO A 124 3.99 -8.61 15.90
CA PRO A 124 4.03 -9.16 14.54
C PRO A 124 3.46 -8.20 13.48
N LEU A 125 2.34 -7.56 13.82
CA LEU A 125 1.68 -6.62 12.92
C LEU A 125 2.54 -5.42 12.63
N LYS A 126 3.29 -5.01 13.64
CA LYS A 126 4.17 -3.86 13.47
C LYS A 126 5.31 -4.28 12.55
N VAL A 127 5.78 -5.51 12.71
CA VAL A 127 6.87 -5.98 11.85
C VAL A 127 6.41 -6.06 10.39
N GLN A 128 5.24 -6.64 10.17
CA GLN A 128 4.69 -6.75 8.82
C GLN A 128 4.62 -5.39 8.11
N ALA A 129 4.15 -4.37 8.83
CA ALA A 129 4.05 -3.03 8.25
C ALA A 129 5.43 -2.59 7.78
N ALA A 130 6.46 -2.93 8.54
CA ALA A 130 7.83 -2.56 8.16
C ALA A 130 8.26 -3.34 6.92
N LEU A 131 7.97 -4.64 6.91
CA LEU A 131 8.30 -5.50 5.78
C LEU A 131 7.68 -4.91 4.51
N VAL A 132 6.40 -4.57 4.57
CA VAL A 132 5.72 -4.01 3.41
C VAL A 132 6.32 -2.66 3.00
N ARG A 133 6.72 -1.84 3.98
CA ARG A 133 7.33 -0.55 3.65
C ARG A 133 8.64 -0.82 2.89
N GLY A 134 9.40 -1.82 3.33
CA GLY A 134 10.65 -2.15 2.66
C GLY A 134 10.39 -2.64 1.24
N PHE A 135 9.36 -3.45 1.12
CA PHE A 135 8.91 -4.01 -0.15
C PHE A 135 8.61 -2.88 -1.16
N ARG A 136 7.76 -1.94 -0.80
CA ARG A 136 7.44 -0.86 -1.71
C ARG A 136 8.64 0.03 -2.00
N ARG A 137 9.45 0.30 -0.97
CA ARG A 137 10.63 1.15 -1.14
C ARG A 137 11.64 0.58 -2.13
N TYR A 138 11.96 -0.70 -2.02
CA TYR A 138 12.93 -1.29 -2.95
C TYR A 138 12.40 -1.25 -4.38
N LEU A 139 11.17 -1.71 -4.58
CA LEU A 139 10.59 -1.72 -5.93
C LEU A 139 10.38 -0.31 -6.48
N ASP A 140 9.99 0.63 -5.63
CA ASP A 140 9.82 2.01 -6.11
C ASP A 140 11.16 2.54 -6.61
N ARG A 141 12.23 2.21 -5.89
CA ARG A 141 13.56 2.68 -6.30
C ARG A 141 14.05 2.01 -7.56
N GLN A 142 13.40 0.91 -7.94
CA GLN A 142 13.74 0.17 -9.14
C GLN A 142 12.79 0.62 -10.26
N ASP A 143 12.10 1.74 -10.03
CA ASP A 143 11.14 2.30 -11.00
C ASP A 143 9.86 1.51 -11.19
N PHE A 144 9.42 0.79 -10.16
CA PHE A 144 8.19 0.03 -10.28
C PHE A 144 7.03 0.98 -9.96
N THR A 145 5.89 0.77 -10.58
CA THR A 145 4.74 1.60 -10.31
C THR A 145 3.76 0.76 -9.51
N GLU A 146 3.34 1.22 -8.35
CA GLU A 146 2.38 0.44 -7.56
C GLU A 146 1.02 0.60 -8.27
N ILE A 147 0.26 -0.48 -8.38
CA ILE A 147 -1.04 -0.45 -9.04
C ILE A 147 -2.16 -0.94 -8.13
N PHE A 148 -3.39 -0.65 -8.52
CA PHE A 148 -4.54 -1.10 -7.74
C PHE A 148 -5.56 -1.69 -8.69
N THR A 149 -5.68 -3.01 -8.65
CA THR A 149 -6.59 -3.71 -9.54
C THR A 149 -7.85 -4.20 -8.82
N PRO A 150 -8.87 -4.60 -9.59
CA PRO A 150 -10.12 -5.10 -9.01
C PRO A 150 -9.92 -6.37 -8.19
N PRO A 179 -7.05 -11.40 -12.58
CA PRO A 179 -6.12 -10.62 -11.75
C PRO A 179 -4.66 -10.78 -12.20
N GLN A 180 -4.27 -12.01 -12.51
CA GLN A 180 -2.92 -12.28 -13.00
C GLN A 180 -2.83 -11.51 -14.31
N LEU A 181 -3.91 -11.58 -15.06
CA LEU A 181 -4.05 -10.90 -16.33
C LEU A 181 -3.94 -9.40 -16.13
N TYR A 182 -4.58 -8.90 -15.08
CA TYR A 182 -4.53 -7.47 -14.81
C TYR A 182 -3.09 -7.03 -14.63
N LYS A 183 -2.34 -7.75 -13.83
CA LYS A 183 -0.94 -7.41 -13.62
C LYS A 183 -0.20 -7.52 -14.96
N GLN A 184 -0.46 -8.58 -15.72
CA GLN A 184 0.20 -8.72 -17.01
C GLN A 184 -0.06 -7.52 -17.90
N ILE A 185 -1.33 -7.12 -17.99
CA ILE A 185 -1.71 -5.97 -18.79
C ILE A 185 -0.93 -4.72 -18.36
N MET A 186 -0.86 -4.49 -17.05
CA MET A 186 -0.15 -3.31 -16.56
C MET A 186 1.36 -3.35 -16.88
N VAL A 187 1.92 -4.54 -17.07
CA VAL A 187 3.34 -4.66 -17.43
C VAL A 187 3.47 -4.00 -18.81
N GLY A 188 2.48 -4.21 -19.66
CA GLY A 188 2.50 -3.59 -20.98
C GLY A 188 2.30 -2.09 -20.86
N VAL A 189 1.85 -1.64 -19.69
CA VAL A 189 1.62 -0.21 -19.47
C VAL A 189 2.77 0.51 -18.79
N PHE A 190 3.24 -0.07 -17.68
CA PHE A 190 4.31 0.49 -16.86
C PHE A 190 5.62 -0.30 -16.80
N GLU A 191 5.67 -1.43 -17.51
CA GLU A 191 6.87 -2.28 -17.57
C GLU A 191 7.22 -3.08 -16.31
N ARG A 192 7.04 -2.47 -15.15
CA ARG A 192 7.32 -3.13 -13.87
C ARG A 192 6.31 -2.58 -12.88
N VAL A 193 5.57 -3.49 -12.27
CA VAL A 193 4.53 -3.09 -11.32
C VAL A 193 4.39 -4.06 -10.15
N TYR A 194 3.78 -3.57 -9.08
CA TYR A 194 3.53 -4.40 -7.93
C TYR A 194 2.21 -3.98 -7.28
N GLU A 195 1.68 -4.87 -6.44
CA GLU A 195 0.43 -4.61 -5.73
C GLU A 195 0.47 -5.28 -4.37
N VAL A 196 -0.15 -4.63 -3.38
CA VAL A 196 -0.24 -5.14 -2.02
C VAL A 196 -1.74 -5.25 -1.74
N ALA A 197 -2.25 -6.47 -1.65
CA ALA A 197 -3.68 -6.65 -1.38
C ALA A 197 -4.05 -8.07 -0.96
N PRO A 198 -5.25 -8.24 -0.39
CA PRO A 198 -5.72 -9.57 0.04
C PRO A 198 -6.00 -10.48 -1.15
N VAL A 199 -5.88 -11.79 -0.95
CA VAL A 199 -6.12 -12.74 -2.03
C VAL A 199 -6.69 -14.05 -1.51
N GLU A 213 -8.21 -16.37 3.00
CA GLU A 213 -7.82 -14.99 2.74
C GLU A 213 -6.47 -14.65 3.37
N TYR A 214 -5.64 -13.91 2.65
CA TYR A 214 -4.33 -13.53 3.18
C TYR A 214 -3.74 -12.34 2.41
N LEU A 215 -2.80 -11.63 3.03
CA LEU A 215 -2.17 -10.48 2.40
C LEU A 215 -1.13 -10.96 1.38
N SER A 216 -1.25 -10.51 0.14
CA SER A 216 -0.32 -10.92 -0.91
C SER A 216 0.48 -9.74 -1.46
N LEU A 217 1.79 -9.94 -1.63
CA LEU A 217 2.67 -8.90 -2.16
C LEU A 217 3.09 -9.37 -3.55
N ASP A 218 2.42 -8.81 -4.57
CA ASP A 218 2.67 -9.21 -5.95
C ASP A 218 3.60 -8.32 -6.76
N VAL A 219 4.44 -8.97 -7.55
CA VAL A 219 5.40 -8.28 -8.38
C VAL A 219 5.29 -8.84 -9.80
N GLU A 220 5.42 -7.98 -10.79
CA GLU A 220 5.34 -8.43 -12.16
C GLU A 220 6.18 -7.45 -12.98
N MET A 221 7.10 -8.00 -13.75
CA MET A 221 8.00 -7.20 -14.56
C MET A 221 8.22 -7.74 -15.97
N GLY A 222 8.37 -6.81 -16.92
CA GLY A 222 8.60 -7.15 -18.31
C GLY A 222 10.01 -6.85 -18.78
N PHE A 223 10.33 -7.29 -19.99
CA PHE A 223 11.66 -7.10 -20.61
C PHE A 223 12.75 -7.85 -19.85
N ILE A 224 12.42 -9.05 -19.36
CA ILE A 224 13.40 -9.85 -18.63
C ILE A 224 14.04 -10.85 -19.57
N ALA A 225 15.12 -11.46 -19.10
CA ALA A 225 15.83 -12.46 -19.89
C ALA A 225 15.19 -13.83 -19.67
N ASP A 226 14.92 -14.17 -18.41
CA ASP A 226 14.30 -15.44 -18.06
C ASP A 226 13.88 -15.38 -16.59
N GLU A 227 13.37 -16.48 -16.04
CA GLU A 227 12.91 -16.49 -14.67
C GLU A 227 14.00 -16.09 -13.69
N GLU A 228 15.26 -16.25 -14.08
CA GLU A 228 16.37 -15.90 -13.21
C GLU A 228 16.35 -14.42 -12.82
N ASP A 229 15.87 -13.56 -13.72
CA ASP A 229 15.78 -12.13 -13.42
C ASP A 229 14.80 -11.96 -12.25
N LEU A 230 13.78 -12.81 -12.19
CA LEU A 230 12.80 -12.74 -11.12
C LEU A 230 13.37 -13.15 -9.78
N MET A 231 14.07 -14.29 -9.73
CA MET A 231 14.68 -14.76 -8.49
C MET A 231 15.76 -13.79 -7.98
N ARG A 232 16.60 -13.26 -8.89
CA ARG A 232 17.64 -12.32 -8.44
C ARG A 232 17.00 -11.09 -7.83
N LEU A 233 15.90 -10.63 -8.41
CA LEU A 233 15.24 -9.45 -7.87
C LEU A 233 14.60 -9.78 -6.53
N GLU A 234 14.02 -10.97 -6.37
CA GLU A 234 13.42 -11.30 -5.09
C GLU A 234 14.44 -11.35 -3.94
N GLU A 235 15.65 -11.83 -4.20
CA GLU A 235 16.68 -11.87 -3.17
C GLU A 235 16.96 -10.46 -2.66
N ALA A 236 17.21 -9.54 -3.59
CA ALA A 236 17.50 -8.16 -3.22
C ALA A 236 16.30 -7.53 -2.52
N LEU A 237 15.09 -7.86 -2.97
CA LEU A 237 13.87 -7.33 -2.39
C LEU A 237 13.77 -7.82 -0.95
N LEU A 238 13.96 -9.13 -0.76
CA LEU A 238 13.89 -9.70 0.57
C LEU A 238 14.94 -9.07 1.50
N ALA A 239 16.13 -8.80 0.99
CA ALA A 239 17.14 -8.20 1.85
C ALA A 239 16.67 -6.81 2.34
N GLU A 240 16.02 -6.05 1.47
CA GLU A 240 15.53 -4.70 1.83
C GLU A 240 14.39 -4.79 2.86
N MET A 241 13.45 -5.72 2.63
CA MET A 241 12.34 -5.87 3.56
C MET A 241 12.84 -6.18 4.99
N LEU A 242 13.70 -7.18 5.15
CA LEU A 242 14.23 -7.56 6.48
C LEU A 242 15.00 -6.43 7.17
N GLU A 243 15.84 -5.79 6.37
CA GLU A 243 16.66 -4.69 6.84
C GLU A 243 15.78 -3.57 7.35
N GLU A 244 14.68 -3.31 6.64
CA GLU A 244 13.74 -2.26 7.03
C GLU A 244 13.09 -2.62 8.36
N ALA A 245 12.70 -3.89 8.52
CA ALA A 245 12.07 -4.34 9.74
C ALA A 245 13.04 -4.18 10.92
N LEU A 246 14.31 -4.44 10.66
CA LEU A 246 15.34 -4.34 11.69
C LEU A 246 15.58 -2.90 12.11
N ASN A 247 15.62 -2.00 11.13
CA ASN A 247 15.86 -0.59 11.45
C ASN A 247 14.68 0.22 11.97
N THR A 248 13.46 -0.27 11.80
CA THR A 248 12.31 0.50 12.26
C THR A 248 11.42 -0.31 13.20
N ALA A 249 11.69 -1.60 13.30
CA ALA A 249 10.90 -2.42 14.19
C ALA A 249 11.79 -3.34 15.04
N GLY A 250 13.01 -2.88 15.30
CA GLY A 250 13.94 -3.66 16.10
C GLY A 250 13.43 -4.06 17.47
N ASP A 251 12.73 -3.16 18.16
CA ASP A 251 12.23 -3.48 19.50
C ASP A 251 11.27 -4.67 19.52
N GLU A 252 10.28 -4.69 18.61
CA GLU A 252 9.33 -5.79 18.59
C GLU A 252 9.96 -7.12 18.21
N ILE A 253 11.01 -7.06 17.41
CA ILE A 253 11.71 -8.27 16.99
C ILE A 253 12.39 -8.88 18.22
N ARG A 254 13.09 -8.05 19.01
CA ARG A 254 13.76 -8.54 20.21
C ARG A 254 12.76 -8.99 21.25
N LEU A 255 11.60 -8.33 21.25
CA LEU A 255 10.53 -8.64 22.18
C LEU A 255 10.06 -10.08 21.96
N LEU A 256 9.97 -10.51 20.70
CA LEU A 256 9.54 -11.85 20.37
C LEU A 256 10.71 -12.82 20.44
N GLY A 257 11.88 -12.31 20.80
CA GLY A 257 13.06 -13.14 20.91
C GLY A 257 13.32 -14.00 19.69
N ALA A 258 12.95 -13.47 18.53
CA ALA A 258 13.11 -14.18 17.27
C ALA A 258 14.58 -14.27 16.87
N THR A 259 14.91 -15.32 16.12
CA THR A 259 16.27 -15.53 15.63
C THR A 259 16.27 -15.03 14.19
N TRP A 260 17.17 -14.11 13.87
CA TRP A 260 17.25 -13.57 12.51
C TRP A 260 17.84 -14.61 11.55
N PRO A 261 17.19 -14.82 10.40
CA PRO A 261 17.60 -15.76 9.35
C PRO A 261 18.90 -15.44 8.63
N SER A 262 19.41 -16.41 7.88
CA SER A 262 20.64 -16.22 7.11
C SER A 262 20.33 -15.15 6.06
N PHE A 263 21.33 -14.37 5.65
CA PHE A 263 21.11 -13.30 4.69
C PHE A 263 20.55 -13.81 3.36
N PRO A 264 19.42 -13.22 2.89
CA PRO A 264 18.74 -13.57 1.65
C PRO A 264 19.54 -13.23 0.38
N GLN A 265 20.62 -13.96 0.13
CA GLN A 265 21.47 -13.73 -1.03
C GLN A 265 22.13 -15.01 -1.54
N ASP A 266 22.20 -15.18 -2.86
CA ASP A 266 22.77 -16.38 -3.47
C ASP A 266 22.06 -17.62 -2.93
N ILE A 267 20.76 -17.48 -2.68
CA ILE A 267 19.95 -18.58 -2.16
C ILE A 267 20.15 -19.81 -3.05
N PRO A 268 20.23 -21.00 -2.44
CA PRO A 268 20.42 -22.25 -3.19
C PRO A 268 19.26 -22.50 -4.15
N ARG A 269 19.56 -22.94 -5.37
CA ARG A 269 18.55 -23.26 -6.37
C ARG A 269 18.56 -24.78 -6.51
N LEU A 270 17.39 -25.39 -6.45
CA LEU A 270 17.29 -26.84 -6.57
C LEU A 270 16.12 -27.20 -7.46
N THR A 271 16.36 -27.92 -8.55
CA THR A 271 15.24 -28.28 -9.44
C THR A 271 14.29 -29.25 -8.76
N HIS A 272 13.03 -29.24 -9.22
CA HIS A 272 12.00 -30.12 -8.69
C HIS A 272 12.42 -31.58 -8.80
N ALA A 273 12.99 -31.97 -9.94
CA ALA A 273 13.42 -33.34 -10.15
C ALA A 273 14.48 -33.76 -9.14
N GLU A 274 15.52 -32.95 -8.96
CA GLU A 274 16.56 -33.29 -7.99
C GLU A 274 15.95 -33.32 -6.58
N ALA A 275 15.06 -32.38 -6.29
CA ALA A 275 14.42 -32.32 -4.98
C ALA A 275 13.70 -33.65 -4.69
N LYS A 276 13.00 -34.17 -5.68
CA LYS A 276 12.28 -35.44 -5.52
C LYS A 276 13.23 -36.58 -5.19
N ARG A 277 14.31 -36.70 -5.95
CA ARG A 277 15.29 -37.76 -5.67
C ARG A 277 15.78 -37.64 -4.24
N ILE A 278 16.15 -36.42 -3.85
CA ILE A 278 16.65 -36.19 -2.50
C ILE A 278 15.62 -36.56 -1.43
N LEU A 279 14.37 -36.20 -1.67
CA LEU A 279 13.30 -36.51 -0.72
C LEU A 279 13.16 -38.00 -0.47
N LYS A 280 13.01 -38.76 -1.55
CA LYS A 280 12.84 -40.21 -1.46
C LYS A 280 14.12 -40.97 -1.09
N GLU A 281 15.22 -40.66 -1.76
CA GLU A 281 16.49 -41.33 -1.52
C GLU A 281 17.26 -40.95 -0.25
N GLU A 282 17.37 -39.66 0.05
CA GLU A 282 18.11 -39.20 1.22
C GLU A 282 17.25 -38.83 2.43
N LEU A 283 16.09 -38.25 2.18
CA LEU A 283 15.19 -37.82 3.24
C LEU A 283 14.09 -38.84 3.52
N GLY A 284 14.17 -40.00 2.88
CA GLY A 284 13.18 -41.04 3.09
C GLY A 284 11.74 -40.56 3.20
N TYR A 285 11.23 -39.95 2.14
CA TYR A 285 9.86 -39.45 2.11
C TYR A 285 9.21 -39.77 0.77
N PRO A 286 8.04 -40.42 0.78
CA PRO A 286 7.33 -40.78 -0.46
C PRO A 286 6.74 -39.55 -1.16
N VAL A 287 7.59 -38.78 -1.83
CA VAL A 287 7.15 -37.57 -2.52
C VAL A 287 6.33 -37.90 -3.77
N GLY A 288 5.47 -36.96 -4.16
CA GLY A 288 4.63 -37.14 -5.35
C GLY A 288 4.91 -36.06 -6.39
N GLN A 289 4.04 -35.93 -7.39
CA GLN A 289 4.23 -34.92 -8.43
C GLN A 289 4.07 -33.53 -7.81
N ASP A 290 3.37 -33.47 -6.69
CA ASP A 290 3.14 -32.24 -5.97
C ASP A 290 3.86 -32.27 -4.63
N LEU A 291 4.67 -31.25 -4.37
CA LEU A 291 5.39 -31.18 -3.12
C LEU A 291 4.42 -30.79 -2.01
N SER A 292 4.34 -31.62 -0.99
CA SER A 292 3.47 -31.39 0.15
C SER A 292 4.16 -30.53 1.18
N GLU A 293 3.37 -30.04 2.13
CA GLU A 293 3.88 -29.19 3.20
C GLU A 293 4.99 -29.92 3.96
N GLU A 294 4.79 -31.22 4.17
CA GLU A 294 5.77 -32.05 4.88
C GLU A 294 7.06 -32.15 4.04
N ALA A 295 6.90 -32.39 2.74
CA ALA A 295 8.02 -32.50 1.83
C ALA A 295 8.81 -31.19 1.81
N GLU A 296 8.08 -30.10 1.65
CA GLU A 296 8.69 -28.78 1.62
C GLU A 296 9.43 -28.51 2.93
N ARG A 297 8.85 -28.94 4.04
CA ARG A 297 9.48 -28.73 5.34
C ARG A 297 10.79 -29.53 5.40
N LEU A 298 10.74 -30.74 4.86
CA LEU A 298 11.91 -31.60 4.84
C LEU A 298 13.01 -30.91 4.03
N LEU A 299 12.67 -30.39 2.87
CA LEU A 299 13.63 -29.70 2.02
C LEU A 299 14.26 -28.53 2.77
N GLY A 300 13.47 -27.91 3.65
CA GLY A 300 13.97 -26.78 4.43
C GLY A 300 15.17 -27.18 5.28
N GLU A 301 15.05 -28.31 5.96
CA GLU A 301 16.11 -28.81 6.83
C GLU A 301 17.32 -29.22 5.99
N TYR A 302 17.06 -29.90 4.90
CA TYR A 302 18.12 -30.34 4.02
C TYR A 302 18.89 -29.15 3.47
N ALA A 303 18.21 -28.02 3.32
CA ALA A 303 18.86 -26.82 2.79
C ALA A 303 19.73 -26.16 3.87
N LYS A 304 19.23 -26.12 5.09
CA LYS A 304 19.99 -25.51 6.16
C LYS A 304 21.17 -26.41 6.54
N GLU A 305 21.10 -27.67 6.14
CA GLU A 305 22.16 -28.63 6.43
C GLU A 305 23.27 -28.56 5.37
N ARG A 306 22.91 -28.68 4.11
CA ARG A 306 23.87 -28.65 3.01
C ARG A 306 24.39 -27.26 2.69
N TRP A 307 23.66 -26.24 3.09
CA TRP A 307 24.04 -24.88 2.76
C TRP A 307 24.03 -23.93 3.96
N GLY A 308 23.45 -24.38 5.07
CA GLY A 308 23.36 -23.52 6.23
C GLY A 308 22.38 -22.38 5.94
N SER A 309 21.65 -22.48 4.83
CA SER A 309 20.70 -21.44 4.44
C SER A 309 19.26 -21.65 4.91
N ASP A 310 18.61 -20.59 5.36
CA ASP A 310 17.22 -20.71 5.78
C ASP A 310 16.30 -20.57 4.57
N TRP A 311 16.88 -20.34 3.39
CA TRP A 311 16.08 -20.15 2.19
C TRP A 311 16.41 -21.20 1.13
N LEU A 312 15.47 -21.44 0.22
CA LEU A 312 15.69 -22.41 -0.85
C LEU A 312 14.76 -22.16 -2.01
N PHE A 313 15.34 -22.11 -3.20
CA PHE A 313 14.58 -21.92 -4.41
C PHE A 313 14.46 -23.29 -5.06
N VAL A 314 13.22 -23.72 -5.26
CA VAL A 314 12.92 -24.99 -5.93
C VAL A 314 12.46 -24.49 -7.28
N THR A 315 13.11 -25.00 -8.32
CA THR A 315 12.86 -24.57 -9.69
C THR A 315 12.38 -25.70 -10.62
N ARG A 316 12.16 -25.34 -11.87
CA ARG A 316 11.76 -26.27 -12.92
C ARG A 316 10.62 -27.23 -12.59
N TYR A 317 9.52 -26.69 -12.09
CA TYR A 317 8.34 -27.48 -11.76
C TYR A 317 7.76 -28.09 -13.02
N PRO A 318 7.20 -29.30 -12.91
CA PRO A 318 6.60 -30.00 -14.05
C PRO A 318 5.45 -29.15 -14.62
N ARG A 319 5.36 -29.16 -15.95
CA ARG A 319 4.33 -28.42 -16.65
C ARG A 319 2.94 -28.84 -16.16
N SER A 320 2.80 -30.08 -15.73
CA SER A 320 1.52 -30.59 -15.25
C SER A 320 1.01 -29.95 -13.96
N VAL A 321 1.92 -29.54 -13.07
CA VAL A 321 1.50 -28.92 -11.81
C VAL A 321 1.52 -27.38 -11.81
N ARG A 322 1.53 -26.78 -12.98
CA ARG A 322 1.54 -25.32 -13.07
C ARG A 322 0.51 -24.83 -14.08
N PRO A 323 0.05 -23.59 -13.93
CA PRO A 323 -0.94 -22.98 -14.82
C PRO A 323 -0.50 -22.97 -16.29
N PHE A 324 -1.47 -22.90 -17.20
CA PHE A 324 -1.22 -22.89 -18.63
C PHE A 324 -0.42 -21.68 -19.12
N TYR A 325 -0.36 -20.62 -18.32
CA TYR A 325 0.36 -19.43 -18.75
C TYR A 325 1.82 -19.43 -18.33
N THR A 326 2.27 -20.53 -17.74
CA THR A 326 3.66 -20.62 -17.31
C THR A 326 4.53 -20.97 -18.51
N TYR A 327 5.64 -20.25 -18.65
CA TYR A 327 6.56 -20.48 -19.76
C TYR A 327 7.15 -21.88 -19.66
N PRO A 328 6.85 -22.74 -20.65
CA PRO A 328 7.37 -24.12 -20.65
C PRO A 328 8.74 -24.32 -21.26
N GLU A 329 9.34 -25.45 -20.94
CA GLU A 329 10.65 -25.86 -21.46
C GLU A 329 10.40 -27.17 -22.22
N GLU A 330 11.31 -27.52 -23.13
CA GLU A 330 11.16 -28.75 -23.92
C GLU A 330 11.13 -30.02 -23.08
N ASP A 331 12.03 -30.12 -22.11
CA ASP A 331 12.10 -31.30 -21.25
C ASP A 331 10.83 -31.58 -20.44
N GLY A 332 9.84 -30.71 -20.52
CA GLY A 332 8.61 -30.94 -19.77
C GLY A 332 8.46 -30.17 -18.48
N THR A 333 9.47 -29.40 -18.11
CA THR A 333 9.41 -28.60 -16.90
C THR A 333 8.95 -27.20 -17.32
N THR A 334 9.07 -26.23 -16.41
CA THR A 334 8.67 -24.85 -16.66
C THR A 334 9.66 -23.86 -16.03
N ARG A 335 9.56 -22.60 -16.43
CA ARG A 335 10.42 -21.53 -15.88
C ARG A 335 9.69 -20.96 -14.67
N SER A 336 9.53 -21.80 -13.67
CA SER A 336 8.82 -21.42 -12.46
C SER A 336 9.72 -21.62 -11.26
N PHE A 337 9.26 -21.15 -10.11
CA PHE A 337 10.02 -21.33 -8.89
C PHE A 337 9.17 -21.00 -7.68
N ASP A 338 9.50 -21.65 -6.57
CA ASP A 338 8.83 -21.43 -5.32
C ASP A 338 9.96 -21.12 -4.36
N LEU A 339 9.65 -20.34 -3.34
CA LEU A 339 10.64 -19.97 -2.35
C LEU A 339 10.23 -20.56 -1.01
N LEU A 340 11.14 -21.32 -0.43
CA LEU A 340 10.92 -21.94 0.87
C LEU A 340 11.78 -21.23 1.92
N PHE A 341 11.13 -20.72 2.95
CA PHE A 341 11.81 -20.03 4.04
C PHE A 341 11.47 -20.78 5.33
N ARG A 342 12.51 -21.30 5.99
CA ARG A 342 12.32 -22.08 7.22
C ARG A 342 11.38 -23.25 6.93
N GLY A 343 11.48 -23.82 5.73
CA GLY A 343 10.65 -24.96 5.37
C GLY A 343 9.24 -24.62 4.94
N LEU A 344 8.88 -23.34 4.93
CA LEU A 344 7.53 -22.95 4.53
C LEU A 344 7.52 -22.18 3.21
N GLU A 345 6.55 -22.48 2.36
CA GLU A 345 6.46 -21.81 1.07
C GLU A 345 5.90 -20.38 1.27
N ILE A 346 6.69 -19.37 0.88
CA ILE A 346 6.29 -17.98 1.04
C ILE A 346 6.29 -17.25 -0.30
N THR A 347 6.57 -17.98 -1.38
CA THR A 347 6.58 -17.39 -2.70
C THR A 347 6.44 -18.41 -3.81
N SER A 348 5.72 -17.99 -4.85
CA SER A 348 5.55 -18.83 -6.02
C SER A 348 5.51 -17.83 -7.18
N GLY A 349 6.13 -18.20 -8.29
CA GLY A 349 6.15 -17.34 -9.43
C GLY A 349 6.89 -17.97 -10.59
N GLY A 350 7.13 -17.20 -11.64
CA GLY A 350 7.84 -17.71 -12.81
C GLY A 350 7.63 -16.80 -13.99
N GLN A 351 8.21 -17.16 -15.13
CA GLN A 351 8.05 -16.38 -16.34
C GLN A 351 6.74 -16.85 -16.96
N ARG A 352 6.03 -15.95 -17.65
CA ARG A 352 4.76 -16.32 -18.27
C ARG A 352 4.96 -16.48 -19.77
N ILE A 353 3.93 -16.94 -20.48
CA ILE A 353 4.03 -17.05 -21.92
C ILE A 353 3.61 -15.67 -22.46
N HIS A 354 4.40 -15.09 -23.36
CA HIS A 354 4.06 -13.78 -23.91
C HIS A 354 3.64 -13.83 -25.37
N ARG A 355 3.85 -14.99 -26.00
CA ARG A 355 3.47 -15.17 -27.43
C ARG A 355 2.05 -15.74 -27.54
N TYR A 356 1.18 -15.04 -28.26
CA TYR A 356 -0.20 -15.47 -28.45
C TYR A 356 -0.31 -16.94 -28.85
N GLU A 357 0.38 -17.33 -29.92
CA GLU A 357 0.35 -18.69 -30.41
C GLU A 357 0.78 -19.74 -29.41
N GLU A 358 1.83 -19.46 -28.64
CA GLU A 358 2.27 -20.44 -27.65
C GLU A 358 1.22 -20.58 -26.56
N LEU A 359 0.50 -19.49 -26.27
CA LEU A 359 -0.54 -19.52 -25.24
C LEU A 359 -1.68 -20.44 -25.72
N LEU A 360 -2.04 -20.32 -26.99
CA LEU A 360 -3.09 -21.15 -27.56
C LEU A 360 -2.65 -22.61 -27.45
N GLU A 361 -1.40 -22.86 -27.83
CA GLU A 361 -0.85 -24.21 -27.78
C GLU A 361 -0.86 -24.79 -26.38
N SER A 362 -0.59 -23.96 -25.38
CA SER A 362 -0.54 -24.40 -23.99
C SER A 362 -1.93 -24.78 -23.51
N LEU A 363 -2.91 -23.95 -23.85
CA LEU A 363 -4.30 -24.21 -23.49
C LEU A 363 -4.72 -25.56 -24.06
N LYS A 364 -4.45 -25.76 -25.35
CA LYS A 364 -4.81 -27.03 -26.01
C LYS A 364 -4.11 -28.23 -25.39
N ALA A 365 -2.82 -28.07 -25.09
CA ALA A 365 -2.05 -29.16 -24.50
C ALA A 365 -2.67 -29.65 -23.19
N LYS A 366 -3.36 -28.77 -22.46
CA LYS A 366 -4.00 -29.15 -21.23
C LYS A 366 -5.48 -29.48 -21.48
N GLY A 367 -5.88 -29.48 -22.74
CA GLY A 367 -7.26 -29.77 -23.11
C GLY A 367 -8.18 -28.66 -22.67
N MET A 368 -7.65 -27.44 -22.65
CA MET A 368 -8.43 -26.28 -22.26
C MET A 368 -8.95 -25.67 -23.57
N ASP A 369 -10.09 -24.99 -23.52
CA ASP A 369 -10.67 -24.42 -24.74
C ASP A 369 -10.32 -22.96 -24.98
N PRO A 370 -9.59 -22.67 -26.07
CA PRO A 370 -9.20 -21.29 -26.38
C PRO A 370 -10.38 -20.34 -26.49
N GLU A 371 -11.46 -20.80 -27.10
CA GLU A 371 -12.65 -19.98 -27.27
C GLU A 371 -13.10 -19.39 -25.94
N ALA A 372 -12.94 -20.15 -24.86
CA ALA A 372 -13.35 -19.66 -23.55
C ALA A 372 -12.42 -18.62 -22.94
N PHE A 373 -11.21 -18.51 -23.48
CA PHE A 373 -10.20 -17.58 -22.98
C PHE A 373 -9.92 -16.42 -23.94
N HIS A 374 -10.87 -16.14 -24.83
CA HIS A 374 -10.71 -15.06 -25.80
C HIS A 374 -10.46 -13.72 -25.13
N GLY A 375 -11.13 -13.48 -24.01
CA GLY A 375 -10.94 -12.24 -23.29
C GLY A 375 -9.53 -12.15 -22.72
N TYR A 376 -9.02 -13.27 -22.23
CA TYR A 376 -7.69 -13.33 -21.65
C TYR A 376 -6.59 -13.22 -22.70
N LEU A 377 -6.84 -13.83 -23.85
CA LEU A 377 -5.86 -13.87 -24.94
C LEU A 377 -5.61 -12.59 -25.75
N GLU A 378 -6.61 -11.71 -25.80
CA GLU A 378 -6.52 -10.45 -26.56
C GLU A 378 -5.26 -9.61 -26.44
N VAL A 379 -4.90 -9.24 -25.22
CA VAL A 379 -3.74 -8.42 -25.04
C VAL A 379 -2.49 -9.09 -25.59
N PHE A 380 -2.51 -10.41 -25.68
CA PHE A 380 -1.32 -11.07 -26.19
C PHE A 380 -1.15 -10.97 -27.70
N LYS A 381 -2.09 -10.31 -28.36
CA LYS A 381 -1.97 -10.10 -29.79
C LYS A 381 -1.26 -8.76 -29.99
N TYR A 382 -0.98 -8.07 -28.88
CA TYR A 382 -0.35 -6.76 -28.95
C TYR A 382 1.06 -6.65 -28.37
N GLY A 383 1.92 -7.56 -28.80
CA GLY A 383 3.32 -7.56 -28.41
C GLY A 383 3.70 -7.44 -26.95
N MET A 384 3.18 -8.32 -26.12
CA MET A 384 3.56 -8.28 -24.73
C MET A 384 5.02 -8.73 -24.73
N PRO A 385 5.86 -8.06 -23.93
CA PRO A 385 7.27 -8.44 -23.90
C PRO A 385 7.49 -9.64 -22.97
N PRO A 386 8.68 -10.26 -23.04
CA PRO A 386 8.98 -11.39 -22.18
C PRO A 386 8.74 -10.81 -20.79
N HIS A 387 8.02 -11.53 -19.93
CA HIS A 387 7.69 -10.99 -18.62
C HIS A 387 7.40 -12.10 -17.65
N GLY A 388 7.43 -11.75 -16.37
CA GLY A 388 7.15 -12.72 -15.35
C GLY A 388 6.86 -12.04 -14.03
N GLY A 389 6.63 -12.84 -13.01
CA GLY A 389 6.34 -12.26 -11.72
C GLY A 389 6.24 -13.31 -10.64
N PHE A 390 5.94 -12.84 -9.43
CA PHE A 390 5.82 -13.73 -8.28
C PHE A 390 5.01 -13.03 -7.20
N ALA A 391 4.63 -13.80 -6.19
CA ALA A 391 3.86 -13.27 -5.07
C ALA A 391 4.48 -13.74 -3.76
N ILE A 392 4.48 -12.87 -2.77
CA ILE A 392 5.04 -13.22 -1.48
C ILE A 392 3.88 -13.29 -0.49
N GLY A 393 3.85 -14.33 0.33
CA GLY A 393 2.80 -14.43 1.33
C GLY A 393 3.29 -13.69 2.55
N ALA A 394 2.86 -12.43 2.69
CA ALA A 394 3.29 -11.58 3.81
C ALA A 394 3.19 -12.23 5.19
N GLU A 395 2.01 -12.75 5.53
CA GLU A 395 1.83 -13.36 6.83
C GLU A 395 2.74 -14.56 7.08
N ARG A 396 2.94 -15.41 6.07
CA ARG A 396 3.82 -16.56 6.25
C ARG A 396 5.26 -16.13 6.51
N LEU A 397 5.70 -15.12 5.76
CA LEU A 397 7.05 -14.58 5.91
C LEU A 397 7.22 -14.08 7.35
N THR A 398 6.28 -13.25 7.79
CA THR A 398 6.30 -12.69 9.14
C THR A 398 6.30 -13.83 10.16
N GLN A 399 5.38 -14.77 9.97
CA GLN A 399 5.25 -15.92 10.86
C GLN A 399 6.58 -16.65 11.06
N LYS A 400 7.19 -17.07 9.96
CA LYS A 400 8.44 -17.80 10.04
C LYS A 400 9.61 -16.92 10.47
N LEU A 401 9.54 -15.64 10.13
CA LEU A 401 10.61 -14.71 10.51
C LEU A 401 10.67 -14.51 12.01
N LEU A 402 9.49 -14.35 12.63
CA LEU A 402 9.41 -14.10 14.06
C LEU A 402 9.14 -15.36 14.88
N GLY A 403 9.26 -16.52 14.25
CA GLY A 403 9.04 -17.78 14.94
C GLY A 403 7.68 -17.87 15.60
N LEU A 404 6.66 -17.40 14.90
CA LEU A 404 5.31 -17.44 15.45
C LEU A 404 4.68 -18.81 15.24
N PRO A 405 3.93 -19.29 16.24
CA PRO A 405 3.24 -20.59 16.24
C PRO A 405 2.37 -20.81 15.01
N ASN A 406 1.50 -19.84 14.72
CA ASN A 406 0.60 -19.94 13.58
C ASN A 406 0.59 -18.66 12.76
N VAL A 407 0.04 -18.75 11.54
CA VAL A 407 -0.05 -17.60 10.66
C VAL A 407 -1.10 -16.62 11.17
N ARG A 408 -1.98 -17.10 12.04
CA ARG A 408 -3.03 -16.24 12.59
C ARG A 408 -2.43 -15.15 13.49
N TYR A 409 -1.25 -15.42 14.03
CA TYR A 409 -0.56 -14.48 14.89
C TYR A 409 -0.04 -13.27 14.11
N ALA A 410 0.24 -13.47 12.83
CA ALA A 410 0.75 -12.41 11.99
C ALA A 410 -0.39 -11.65 11.32
N ARG A 411 -1.61 -11.83 11.84
CA ARG A 411 -2.77 -11.15 11.29
C ARG A 411 -3.64 -10.50 12.37
N ALA A 412 -4.09 -9.28 12.10
CA ALA A 412 -4.92 -8.53 13.04
C ALA A 412 -6.22 -9.24 13.40
N PHE A 413 -7.07 -9.48 12.41
CA PHE A 413 -8.35 -10.13 12.65
C PHE A 413 -8.54 -11.42 11.85
N PRO A 414 -8.12 -12.57 12.41
CA PRO A 414 -8.26 -13.85 11.72
C PRO A 414 -9.71 -14.23 11.44
N MET B 1 24.57 -0.45 -22.20
CA MET B 1 23.66 -0.24 -21.03
C MET B 1 22.29 0.25 -21.49
N ARG B 2 21.25 -0.20 -20.81
CA ARG B 2 19.89 0.20 -21.14
C ARG B 2 19.64 1.61 -20.60
N VAL B 3 19.17 2.49 -21.48
CA VAL B 3 18.88 3.87 -21.11
C VAL B 3 17.39 4.18 -21.37
N LEU B 4 16.76 4.86 -20.42
CA LEU B 4 15.37 5.26 -20.55
C LEU B 4 15.30 6.53 -21.39
N VAL B 5 14.16 6.74 -22.03
CA VAL B 5 13.95 7.92 -22.86
C VAL B 5 14.22 9.23 -22.10
N ARG B 6 13.83 9.29 -20.82
CA ARG B 6 14.04 10.52 -20.07
C ARG B 6 15.51 10.84 -19.79
N ASP B 7 16.38 9.84 -19.79
CA ASP B 7 17.79 10.10 -19.50
C ASP B 7 18.64 10.22 -20.76
N LEU B 8 18.03 10.11 -21.93
CA LEU B 8 18.80 10.19 -23.16
C LEU B 8 19.57 11.50 -23.30
N LYS B 9 19.08 12.58 -22.73
CA LYS B 9 19.78 13.86 -22.81
C LYS B 9 21.25 13.75 -22.39
N ALA B 10 21.52 12.89 -21.41
CA ALA B 10 22.89 12.74 -20.92
C ALA B 10 23.72 11.75 -21.73
N HIS B 11 23.23 11.35 -22.90
CA HIS B 11 23.96 10.38 -23.71
C HIS B 11 24.16 10.79 -25.15
N VAL B 12 24.00 12.07 -25.44
CA VAL B 12 24.17 12.58 -26.80
C VAL B 12 25.58 12.22 -27.29
N GLY B 13 25.66 11.62 -28.47
CA GLY B 13 26.95 11.25 -29.03
C GLY B 13 27.38 9.83 -28.70
N GLN B 14 26.66 9.18 -27.80
CA GLN B 14 27.00 7.82 -27.42
C GLN B 14 26.04 6.78 -27.98
N GLU B 15 26.43 5.52 -27.84
CA GLU B 15 25.62 4.42 -28.31
C GLU B 15 24.84 3.96 -27.08
N VAL B 16 23.52 3.86 -27.21
CA VAL B 16 22.69 3.41 -26.09
C VAL B 16 21.77 2.28 -26.51
N GLU B 17 21.15 1.64 -25.52
CA GLU B 17 20.22 0.54 -25.80
C GLU B 17 18.87 0.94 -25.26
N LEU B 18 17.83 0.80 -26.07
CA LEU B 18 16.48 1.17 -25.65
C LEU B 18 15.60 -0.09 -25.62
N LEU B 19 14.60 -0.09 -24.73
CA LEU B 19 13.64 -1.19 -24.64
C LEU B 19 12.30 -0.47 -24.57
N GLY B 20 11.32 -0.91 -25.36
CA GLY B 20 10.02 -0.28 -25.34
C GLY B 20 9.06 -0.85 -26.37
N PHE B 21 8.04 -0.08 -26.72
CA PHE B 21 7.05 -0.53 -27.71
C PHE B 21 6.97 0.43 -28.88
N LEU B 22 6.74 -0.10 -30.07
CA LEU B 22 6.63 0.74 -31.26
C LEU B 22 5.33 1.58 -31.21
N HIS B 23 5.46 2.85 -30.87
CA HIS B 23 4.30 3.75 -30.79
C HIS B 23 3.71 3.92 -32.20
N TRP B 24 4.54 4.26 -33.17
CA TRP B 24 4.14 4.37 -34.58
C TRP B 24 5.34 4.25 -35.48
N ARG B 25 5.07 4.14 -36.78
CA ARG B 25 6.11 4.00 -37.78
C ARG B 25 5.73 4.78 -39.05
N ARG B 26 6.75 5.19 -39.78
CA ARG B 26 6.60 5.90 -41.05
C ARG B 26 7.68 5.21 -41.86
N ASP B 27 7.24 4.35 -42.77
CA ASP B 27 8.14 3.56 -43.62
C ASP B 27 8.43 4.25 -44.95
N LEU B 28 9.63 4.79 -45.12
CA LEU B 28 9.96 5.46 -46.37
C LEU B 28 11.06 4.70 -47.10
N GLY B 29 11.07 3.38 -46.98
CA GLY B 29 12.07 2.57 -47.65
C GLY B 29 13.47 2.68 -47.07
N ARG B 30 14.34 3.40 -47.77
CA ARG B 30 15.73 3.59 -47.35
C ARG B 30 15.83 4.15 -45.94
N ILE B 31 14.93 5.06 -45.60
CA ILE B 31 14.91 5.61 -44.26
C ILE B 31 13.54 5.30 -43.67
N GLN B 32 13.52 4.94 -42.39
CA GLN B 32 12.28 4.61 -41.72
C GLN B 32 12.30 5.30 -40.37
N PHE B 33 11.18 5.92 -40.03
CA PHE B 33 11.06 6.64 -38.78
C PHE B 33 10.18 5.84 -37.85
N LEU B 34 10.68 5.61 -36.63
CA LEU B 34 9.93 4.88 -35.63
C LEU B 34 9.83 5.76 -34.41
N LEU B 35 8.78 5.55 -33.64
CA LEU B 35 8.61 6.29 -32.42
C LEU B 35 8.57 5.18 -31.38
N LEU B 36 9.55 5.14 -30.49
CA LEU B 36 9.62 4.10 -29.46
C LEU B 36 9.22 4.71 -28.14
N ARG B 37 8.36 4.04 -27.38
CA ARG B 37 8.05 4.61 -26.08
C ARG B 37 8.27 3.64 -24.95
N ASP B 38 8.90 4.13 -23.89
CA ASP B 38 9.10 3.28 -22.74
C ASP B 38 8.29 3.90 -21.60
N ARG B 39 8.46 3.39 -20.38
CA ARG B 39 7.70 3.90 -19.26
C ARG B 39 7.98 5.37 -18.96
N SER B 40 9.04 5.91 -19.55
CA SER B 40 9.41 7.32 -19.30
C SER B 40 9.13 8.28 -20.45
N GLY B 41 8.66 7.77 -21.58
CA GLY B 41 8.37 8.68 -22.69
C GLY B 41 8.54 8.10 -24.08
N VAL B 42 8.60 8.97 -25.08
CA VAL B 42 8.77 8.52 -26.46
C VAL B 42 10.00 9.14 -27.12
N VAL B 43 10.62 8.36 -27.98
CA VAL B 43 11.79 8.82 -28.70
C VAL B 43 11.75 8.37 -30.15
N GLN B 44 12.21 9.24 -31.05
CA GLN B 44 12.25 8.95 -32.47
C GLN B 44 13.47 8.07 -32.71
N VAL B 45 13.28 7.02 -33.51
CA VAL B 45 14.37 6.11 -33.82
C VAL B 45 14.43 6.14 -35.33
N VAL B 46 15.64 6.27 -35.87
CA VAL B 46 15.82 6.31 -37.31
C VAL B 46 16.54 5.06 -37.78
N THR B 47 15.94 4.37 -38.74
CA THR B 47 16.54 3.18 -39.29
C THR B 47 16.21 3.18 -40.80
N GLY B 48 16.28 2.02 -41.45
CA GLY B 48 15.99 1.95 -42.87
C GLY B 48 16.18 0.54 -43.42
N GLY B 49 15.51 0.24 -44.53
CA GLY B 49 15.62 -1.07 -45.17
C GLY B 49 15.18 -2.29 -44.36
N LEU B 50 14.44 -2.08 -43.28
CA LEU B 50 13.99 -3.20 -42.47
C LEU B 50 12.57 -3.60 -42.81
N LYS B 51 12.20 -4.81 -42.41
CA LYS B 51 10.84 -5.28 -42.59
C LYS B 51 10.21 -4.92 -41.25
N LEU B 52 9.60 -3.76 -41.20
CA LEU B 52 9.00 -3.26 -39.96
C LEU B 52 7.83 -4.06 -39.42
N PRO B 53 7.79 -4.27 -38.09
CA PRO B 53 6.71 -5.02 -37.43
C PRO B 53 5.56 -4.05 -37.20
N LEU B 54 4.42 -4.55 -36.73
CA LEU B 54 3.26 -3.69 -36.50
C LEU B 54 3.40 -2.82 -35.25
N PRO B 55 2.57 -1.77 -35.14
CA PRO B 55 2.63 -0.89 -33.96
C PRO B 55 2.32 -1.74 -32.72
N GLU B 56 2.87 -1.31 -31.59
CA GLU B 56 2.72 -1.98 -30.30
C GLU B 56 3.56 -3.24 -30.16
N SER B 57 4.52 -3.44 -31.06
CA SER B 57 5.40 -4.59 -30.96
C SER B 57 6.44 -4.19 -29.91
N ALA B 58 6.91 -5.15 -29.13
CA ALA B 58 7.93 -4.85 -28.12
C ALA B 58 9.27 -4.91 -28.84
N LEU B 59 10.09 -3.89 -28.63
CA LEU B 59 11.38 -3.81 -29.31
C LEU B 59 12.59 -3.50 -28.44
N ARG B 60 13.74 -3.79 -29.00
CA ARG B 60 15.01 -3.47 -28.38
C ARG B 60 15.72 -2.70 -29.49
N VAL B 61 16.26 -1.54 -29.15
CA VAL B 61 16.99 -0.73 -30.13
C VAL B 61 18.36 -0.31 -29.63
N ARG B 62 19.37 -0.52 -30.47
CA ARG B 62 20.74 -0.13 -30.16
C ARG B 62 21.14 0.94 -31.17
N GLY B 63 21.59 2.09 -30.69
CA GLY B 63 21.96 3.15 -31.59
C GLY B 63 22.59 4.39 -31.00
N LEU B 64 22.94 5.32 -31.89
CA LEU B 64 23.58 6.58 -31.53
C LEU B 64 22.61 7.73 -31.22
N VAL B 65 22.79 8.35 -30.07
CA VAL B 65 21.95 9.48 -29.67
C VAL B 65 22.44 10.73 -30.41
N VAL B 66 21.55 11.30 -31.22
CA VAL B 66 21.85 12.47 -32.02
C VAL B 66 20.87 13.61 -31.73
N GLU B 67 21.40 14.82 -31.64
CA GLU B 67 20.63 16.00 -31.38
C GLU B 67 19.66 16.29 -32.53
N ASN B 68 18.44 16.70 -32.22
CA ASN B 68 17.46 16.99 -33.25
C ASN B 68 16.23 17.66 -32.64
N ALA B 69 16.25 18.98 -32.62
CA ALA B 69 15.17 19.81 -32.04
C ALA B 69 13.77 19.54 -32.56
N LYS B 70 13.67 19.10 -33.80
CA LYS B 70 12.36 18.85 -34.39
C LYS B 70 11.70 17.61 -33.78
N ALA B 71 12.51 16.63 -33.39
CA ALA B 71 12.01 15.39 -32.81
C ALA B 71 11.56 15.57 -31.36
N PRO B 72 10.65 14.70 -30.89
CA PRO B 72 10.14 14.74 -29.52
C PRO B 72 11.29 14.68 -28.51
N GLY B 73 11.38 15.67 -27.64
CA GLY B 73 12.44 15.68 -26.67
C GLY B 73 13.74 16.23 -27.25
N GLY B 74 13.68 16.76 -28.47
CA GLY B 74 14.85 17.33 -29.11
C GLY B 74 15.98 16.35 -29.37
N LEU B 75 15.65 15.06 -29.24
CA LEU B 75 16.60 13.96 -29.43
C LEU B 75 16.17 12.96 -30.49
N GLU B 76 17.12 12.11 -30.87
CA GLU B 76 16.87 11.09 -31.86
C GLU B 76 17.89 9.96 -31.69
N VAL B 77 17.49 8.74 -32.00
CA VAL B 77 18.44 7.64 -31.92
C VAL B 77 18.56 7.03 -33.31
N GLN B 78 19.77 7.06 -33.86
CA GLN B 78 20.01 6.46 -35.16
C GLN B 78 20.35 4.99 -34.90
N ALA B 79 19.40 4.11 -35.21
CA ALA B 79 19.57 2.67 -34.96
C ALA B 79 20.67 1.95 -35.72
N LYS B 80 21.45 1.16 -34.98
CA LYS B 80 22.50 0.37 -35.57
C LYS B 80 21.91 -1.04 -35.64
N GLU B 81 20.93 -1.28 -34.76
CA GLU B 81 20.28 -2.58 -34.69
C GLU B 81 18.87 -2.47 -34.12
N VAL B 82 17.94 -3.21 -34.70
CA VAL B 82 16.57 -3.21 -34.21
C VAL B 82 16.15 -4.67 -34.08
N GLU B 83 15.79 -5.07 -32.85
CA GLU B 83 15.37 -6.44 -32.57
C GLU B 83 13.91 -6.39 -32.08
N VAL B 84 13.06 -7.21 -32.69
CA VAL B 84 11.66 -7.27 -32.30
C VAL B 84 11.57 -8.36 -31.24
N LEU B 85 11.30 -7.96 -30.01
CA LEU B 85 11.19 -8.90 -28.89
C LEU B 85 9.87 -9.64 -28.88
N SER B 86 8.83 -8.96 -29.36
CA SER B 86 7.50 -9.54 -29.39
C SER B 86 6.64 -8.77 -30.38
N PRO B 87 6.50 -9.30 -31.61
CA PRO B 87 5.69 -8.65 -32.64
C PRO B 87 4.20 -8.69 -32.37
N ALA B 88 3.53 -7.57 -32.61
CA ALA B 88 2.09 -7.52 -32.42
C ALA B 88 1.52 -8.28 -33.63
N LEU B 89 0.38 -8.94 -33.47
CA LEU B 89 -0.19 -9.72 -34.56
C LEU B 89 -1.29 -9.00 -35.34
N GLU B 90 -1.99 -8.08 -34.67
CA GLU B 90 -3.08 -7.36 -35.31
C GLU B 90 -2.98 -5.86 -35.10
N PRO B 91 -3.57 -5.07 -36.00
CA PRO B 91 -3.53 -3.62 -35.88
C PRO B 91 -4.34 -3.24 -34.64
N THR B 92 -3.91 -2.23 -33.92
CA THR B 92 -4.62 -1.82 -32.72
C THR B 92 -6.02 -1.33 -33.10
N PRO B 93 -7.04 -1.74 -32.33
CA PRO B 93 -8.43 -1.35 -32.58
C PRO B 93 -8.56 0.15 -32.78
N VAL B 94 -7.76 0.90 -32.02
CA VAL B 94 -7.77 2.36 -32.11
C VAL B 94 -6.31 2.83 -32.16
N GLU B 95 -6.05 3.91 -32.89
CA GLU B 95 -4.69 4.43 -32.98
C GLU B 95 -4.26 4.96 -31.60
N ILE B 96 -3.50 4.16 -30.87
CA ILE B 96 -3.02 4.56 -29.56
C ILE B 96 -2.36 5.93 -29.58
N PRO B 97 -1.48 6.20 -30.57
CA PRO B 97 -0.82 7.51 -30.65
C PRO B 97 -1.77 8.71 -30.57
N TYR B 111 -11.08 -0.44 -25.10
CA TYR B 111 -10.04 -1.46 -25.29
C TYR B 111 -8.88 -1.24 -24.33
N ARG B 112 -9.23 -1.00 -23.07
CA ARG B 112 -8.26 -0.75 -22.00
C ARG B 112 -6.95 -1.54 -22.10
N TYR B 113 -7.06 -2.86 -22.19
CA TYR B 113 -5.88 -3.73 -22.25
C TYR B 113 -4.76 -3.21 -23.16
N VAL B 114 -5.09 -2.31 -24.07
CA VAL B 114 -4.08 -1.78 -24.98
C VAL B 114 -4.03 -0.24 -24.99
N THR B 115 -5.17 0.42 -24.91
CA THR B 115 -5.22 1.89 -24.93
C THR B 115 -4.63 2.48 -23.65
N LEU B 116 -4.56 1.69 -22.59
CA LEU B 116 -4.02 2.21 -21.34
C LEU B 116 -2.51 2.44 -21.44
N ARG B 117 -1.91 1.89 -22.49
CA ARG B 117 -0.48 2.05 -22.69
C ARG B 117 -0.13 3.49 -23.11
N GLY B 118 -1.12 4.23 -23.64
CA GLY B 118 -0.87 5.60 -24.05
C GLY B 118 -0.31 6.44 -22.91
N GLU B 119 0.51 7.43 -23.24
CA GLU B 119 1.12 8.30 -22.24
C GLU B 119 0.10 9.04 -21.38
N LYS B 120 -0.89 9.64 -22.04
CA LYS B 120 -1.90 10.39 -21.33
C LYS B 120 -2.87 9.48 -20.60
N ALA B 121 -3.12 8.30 -21.15
CA ALA B 121 -4.04 7.37 -20.52
C ALA B 121 -3.46 6.76 -19.24
N ARG B 122 -2.15 6.51 -19.24
CA ARG B 122 -1.45 5.90 -18.10
C ARG B 122 -1.03 6.93 -17.03
N ALA B 123 -0.82 8.16 -17.45
CA ALA B 123 -0.35 9.21 -16.55
C ALA B 123 -1.11 9.41 -15.23
N PRO B 124 -2.46 9.41 -15.27
CA PRO B 124 -3.21 9.60 -14.02
C PRO B 124 -2.92 8.50 -12.98
N LEU B 125 -2.66 7.29 -13.45
CA LEU B 125 -2.37 6.18 -12.54
C LEU B 125 -0.98 6.35 -11.93
N LYS B 126 -0.05 6.91 -12.71
CA LYS B 126 1.31 7.14 -12.26
C LYS B 126 1.27 8.22 -11.18
N VAL B 127 0.44 9.24 -11.40
CA VAL B 127 0.30 10.32 -10.45
C VAL B 127 -0.36 9.79 -9.17
N GLN B 128 -1.36 8.93 -9.33
CA GLN B 128 -2.04 8.35 -8.16
C GLN B 128 -1.06 7.56 -7.29
N ALA B 129 -0.17 6.80 -7.93
CA ALA B 129 0.80 6.01 -7.19
C ALA B 129 1.68 6.95 -6.40
N ALA B 130 1.99 8.11 -6.97
CA ALA B 130 2.83 9.05 -6.26
C ALA B 130 2.06 9.61 -5.07
N LEU B 131 0.81 10.02 -5.26
CA LEU B 131 -0.01 10.56 -4.15
C LEU B 131 -0.10 9.59 -2.98
N VAL B 132 -0.30 8.30 -3.28
CA VAL B 132 -0.41 7.31 -2.23
C VAL B 132 0.93 7.12 -1.51
N ARG B 133 2.03 7.20 -2.26
CA ARG B 133 3.37 7.06 -1.67
C ARG B 133 3.56 8.20 -0.67
N GLY B 134 3.15 9.41 -1.05
CA GLY B 134 3.26 10.57 -0.18
C GLY B 134 2.40 10.38 1.05
N PHE B 135 1.24 9.79 0.84
CA PHE B 135 0.27 9.52 1.90
C PHE B 135 0.92 8.68 3.00
N ARG B 136 1.48 7.54 2.60
CA ARG B 136 2.12 6.63 3.55
C ARG B 136 3.39 7.20 4.20
N ARG B 137 4.17 7.97 3.45
CA ARG B 137 5.39 8.56 3.97
C ARG B 137 5.07 9.55 5.08
N TYR B 138 4.22 10.52 4.79
CA TYR B 138 3.87 11.53 5.81
C TYR B 138 3.38 10.88 7.09
N LEU B 139 2.44 9.95 6.98
CA LEU B 139 1.90 9.27 8.15
C LEU B 139 2.95 8.40 8.86
N ASP B 140 3.77 7.68 8.10
CA ASP B 140 4.82 6.84 8.71
C ASP B 140 5.75 7.72 9.55
N ARG B 141 6.10 8.90 9.03
CA ARG B 141 6.98 9.81 9.76
C ARG B 141 6.34 10.35 11.04
N GLN B 142 5.00 10.30 11.12
CA GLN B 142 4.27 10.74 12.31
C GLN B 142 3.94 9.51 13.18
N ASP B 143 4.70 8.44 12.97
CA ASP B 143 4.53 7.22 13.74
C ASP B 143 3.24 6.42 13.52
N PHE B 144 2.58 6.60 12.38
CA PHE B 144 1.38 5.83 12.13
C PHE B 144 1.83 4.43 11.72
N THR B 145 0.94 3.45 11.91
CA THR B 145 1.25 2.08 11.53
C THR B 145 0.21 1.60 10.50
N GLU B 146 0.71 1.18 9.33
CA GLU B 146 -0.16 0.68 8.27
C GLU B 146 -0.79 -0.62 8.71
N ILE B 147 -2.10 -0.75 8.51
CA ILE B 147 -2.80 -1.97 8.88
C ILE B 147 -3.51 -2.56 7.69
N PHE B 148 -3.92 -3.82 7.85
CA PHE B 148 -4.63 -4.55 6.81
C PHE B 148 -5.81 -5.28 7.45
N THR B 149 -7.01 -4.76 7.22
CA THR B 149 -8.23 -5.34 7.78
C THR B 149 -9.03 -6.14 6.76
N PRO B 150 -9.97 -6.96 7.24
CA PRO B 150 -10.80 -7.77 6.34
C PRO B 150 -11.75 -6.93 5.48
N GLN B 180 -14.99 0.05 9.61
CA GLN B 180 -14.92 1.21 10.49
C GLN B 180 -14.54 0.77 11.91
N LEU B 181 -15.11 -0.35 12.34
CA LEU B 181 -14.83 -0.88 13.67
C LEU B 181 -13.39 -1.35 13.79
N TYR B 182 -12.89 -2.02 12.76
CA TYR B 182 -11.52 -2.51 12.80
C TYR B 182 -10.52 -1.38 12.98
N LYS B 183 -10.73 -0.27 12.28
CA LYS B 183 -9.80 0.84 12.42
C LYS B 183 -9.84 1.45 13.81
N GLN B 184 -10.97 1.35 14.49
CA GLN B 184 -11.06 1.90 15.85
C GLN B 184 -10.35 0.98 16.81
N ILE B 185 -10.57 -0.31 16.65
CA ILE B 185 -9.92 -1.30 17.49
C ILE B 185 -8.42 -1.17 17.35
N MET B 186 -7.95 -0.93 16.12
CA MET B 186 -6.51 -0.81 15.92
C MET B 186 -5.96 0.48 16.52
N VAL B 187 -6.83 1.46 16.75
CA VAL B 187 -6.40 2.72 17.36
C VAL B 187 -5.98 2.43 18.81
N GLY B 188 -6.63 1.44 19.42
CA GLY B 188 -6.29 1.08 20.79
C GLY B 188 -5.04 0.24 20.85
N VAL B 189 -4.59 -0.23 19.69
CA VAL B 189 -3.40 -1.06 19.59
C VAL B 189 -2.18 -0.22 19.20
N PHE B 190 -2.32 0.60 18.17
CA PHE B 190 -1.22 1.42 17.69
C PHE B 190 -1.40 2.93 17.82
N GLU B 191 -2.55 3.36 18.35
CA GLU B 191 -2.85 4.77 18.57
C GLU B 191 -3.08 5.57 17.28
N ARG B 192 -2.27 5.29 16.26
CA ARG B 192 -2.35 5.99 14.97
C ARG B 192 -2.16 4.97 13.86
N VAL B 193 -3.18 4.82 13.03
CA VAL B 193 -3.12 3.85 11.94
C VAL B 193 -3.77 4.38 10.66
N TYR B 194 -3.48 3.72 9.55
CA TYR B 194 -4.06 4.11 8.29
C TYR B 194 -4.14 2.88 7.41
N GLU B 195 -4.94 2.97 6.35
CA GLU B 195 -5.08 1.84 5.45
C GLU B 195 -5.42 2.30 4.05
N VAL B 196 -4.86 1.58 3.08
CA VAL B 196 -5.07 1.86 1.67
C VAL B 196 -5.73 0.62 1.11
N ALA B 197 -7.03 0.69 0.85
CA ALA B 197 -7.73 -0.46 0.32
C ALA B 197 -9.02 -0.08 -0.40
N PRO B 198 -9.53 -0.96 -1.27
CA PRO B 198 -10.77 -0.69 -2.02
C PRO B 198 -12.00 -0.66 -1.13
N VAL B 199 -13.04 0.04 -1.57
CA VAL B 199 -14.28 0.17 -0.83
C VAL B 199 -15.49 0.16 -1.76
N GLU B 213 -16.71 0.46 -6.49
CA GLU B 213 -15.39 0.12 -5.96
C GLU B 213 -14.39 1.24 -6.23
N TYR B 214 -13.86 1.83 -5.17
CA TYR B 214 -12.89 2.91 -5.28
C TYR B 214 -11.81 2.79 -4.20
N LEU B 215 -10.62 3.28 -4.53
CA LEU B 215 -9.49 3.24 -3.60
C LEU B 215 -9.70 4.27 -2.50
N SER B 216 -9.66 3.81 -1.26
CA SER B 216 -9.86 4.71 -0.13
C SER B 216 -8.62 4.79 0.75
N LEU B 217 -8.20 6.01 1.08
CA LEU B 217 -7.03 6.21 1.93
C LEU B 217 -7.59 6.63 3.28
N ASP B 218 -7.72 5.66 4.17
CA ASP B 218 -8.26 5.86 5.51
C ASP B 218 -7.22 6.17 6.56
N VAL B 219 -7.59 7.05 7.48
CA VAL B 219 -6.73 7.48 8.58
C VAL B 219 -7.55 7.49 9.86
N GLU B 220 -6.99 6.94 10.94
CA GLU B 220 -7.68 6.92 12.22
C GLU B 220 -6.59 7.13 13.30
N MET B 221 -6.82 8.08 14.19
CA MET B 221 -5.85 8.39 15.26
C MET B 221 -6.55 8.67 16.59
N GLY B 222 -5.92 8.23 17.68
CA GLY B 222 -6.48 8.45 19.01
C GLY B 222 -5.76 9.53 19.80
N PHE B 223 -6.24 9.78 21.02
CA PHE B 223 -5.66 10.81 21.90
C PHE B 223 -5.70 12.20 21.25
N ILE B 224 -6.83 12.52 20.64
CA ILE B 224 -6.99 13.82 20.01
C ILE B 224 -7.77 14.75 20.95
N ALA B 225 -7.72 16.04 20.67
CA ALA B 225 -8.43 17.04 21.47
C ALA B 225 -9.84 17.22 20.90
N ASP B 226 -9.96 17.23 19.58
CA ASP B 226 -11.23 17.40 18.88
C ASP B 226 -11.06 17.10 17.39
N GLU B 227 -12.12 17.30 16.59
CA GLU B 227 -12.04 17.03 15.16
C GLU B 227 -11.05 17.95 14.46
N GLU B 228 -10.69 19.05 15.12
CA GLU B 228 -9.76 20.02 14.57
C GLU B 228 -8.37 19.41 14.36
N ASP B 229 -8.04 18.39 15.14
CA ASP B 229 -6.75 17.74 15.00
C ASP B 229 -6.71 16.99 13.66
N LEU B 230 -7.85 16.41 13.29
CA LEU B 230 -7.98 15.66 12.05
C LEU B 230 -7.81 16.57 10.83
N MET B 231 -8.49 17.73 10.86
CA MET B 231 -8.41 18.69 9.75
C MET B 231 -6.99 19.21 9.55
N ARG B 232 -6.33 19.59 10.65
CA ARG B 232 -4.96 20.07 10.54
C ARG B 232 -4.04 18.96 10.02
N LEU B 233 -4.31 17.72 10.42
CA LEU B 233 -3.52 16.59 9.97
C LEU B 233 -3.69 16.38 8.47
N GLU B 234 -4.95 16.34 8.02
CA GLU B 234 -5.23 16.13 6.61
C GLU B 234 -4.59 17.19 5.71
N GLU B 235 -4.52 18.43 6.20
CA GLU B 235 -3.92 19.52 5.45
C GLU B 235 -2.46 19.26 5.19
N ALA B 236 -1.74 18.87 6.25
CA ALA B 236 -0.32 18.58 6.14
C ALA B 236 -0.12 17.34 5.28
N LEU B 237 -1.00 16.36 5.46
CA LEU B 237 -0.97 15.11 4.71
C LEU B 237 -1.08 15.41 3.22
N LEU B 238 -2.08 16.20 2.85
CA LEU B 238 -2.31 16.58 1.45
C LEU B 238 -1.13 17.32 0.85
N ALA B 239 -0.55 18.22 1.61
CA ALA B 239 0.59 19.01 1.13
C ALA B 239 1.72 18.06 0.74
N GLU B 240 1.94 17.05 1.57
CA GLU B 240 2.98 16.06 1.30
C GLU B 240 2.63 15.28 0.04
N MET B 241 1.41 14.77 -0.04
CA MET B 241 0.95 13.99 -1.18
C MET B 241 1.21 14.73 -2.50
N LEU B 242 0.76 15.98 -2.59
CA LEU B 242 0.95 16.79 -3.79
C LEU B 242 2.42 17.03 -4.10
N GLU B 243 3.22 17.19 -3.05
CA GLU B 243 4.65 17.43 -3.19
C GLU B 243 5.33 16.21 -3.83
N GLU B 244 4.92 15.03 -3.38
CA GLU B 244 5.46 13.76 -3.89
C GLU B 244 5.18 13.63 -5.39
N ALA B 245 3.94 13.92 -5.77
CA ALA B 245 3.51 13.83 -7.16
C ALA B 245 4.29 14.81 -8.02
N LEU B 246 4.47 16.01 -7.48
CA LEU B 246 5.19 17.05 -8.19
C LEU B 246 6.66 16.64 -8.39
N ASN B 247 7.27 16.02 -7.38
CA ASN B 247 8.67 15.61 -7.49
C ASN B 247 8.92 14.30 -8.22
N THR B 248 8.03 13.32 -8.08
CA THR B 248 8.25 12.04 -8.73
C THR B 248 7.39 11.79 -9.97
N ALA B 249 6.38 12.63 -10.20
CA ALA B 249 5.52 12.45 -11.38
C ALA B 249 5.31 13.78 -12.12
N GLY B 250 6.35 14.60 -12.12
CA GLY B 250 6.30 15.89 -12.77
C GLY B 250 5.91 15.81 -14.23
N ASP B 251 6.59 14.96 -14.98
CA ASP B 251 6.31 14.82 -16.41
C ASP B 251 4.86 14.46 -16.69
N GLU B 252 4.30 13.57 -15.88
CA GLU B 252 2.92 13.17 -16.04
C GLU B 252 2.00 14.38 -15.82
N ILE B 253 2.27 15.13 -14.77
CA ILE B 253 1.46 16.30 -14.47
C ILE B 253 1.50 17.30 -15.62
N ARG B 254 2.70 17.61 -16.10
CA ARG B 254 2.86 18.55 -17.20
C ARG B 254 2.25 18.02 -18.50
N LEU B 255 2.41 16.72 -18.75
CA LEU B 255 1.88 16.12 -19.97
C LEU B 255 0.35 16.30 -20.05
N LEU B 256 -0.33 16.08 -18.92
CA LEU B 256 -1.78 16.23 -18.90
C LEU B 256 -2.15 17.72 -18.83
N GLY B 257 -1.13 18.56 -18.72
CA GLY B 257 -1.36 19.99 -18.66
C GLY B 257 -2.28 20.44 -17.54
N ALA B 258 -2.42 19.61 -16.51
CA ALA B 258 -3.28 19.96 -15.39
C ALA B 258 -2.77 21.20 -14.66
N THR B 259 -3.68 22.10 -14.30
CA THR B 259 -3.29 23.31 -13.56
C THR B 259 -3.22 22.92 -12.08
N TRP B 260 -2.13 23.27 -11.42
CA TRP B 260 -2.00 22.91 -10.00
C TRP B 260 -2.88 23.73 -9.06
N PRO B 261 -3.47 23.07 -8.05
CA PRO B 261 -4.34 23.70 -7.07
C PRO B 261 -3.60 24.67 -6.15
N SER B 262 -4.36 25.38 -5.33
CA SER B 262 -3.80 26.32 -4.36
C SER B 262 -3.26 25.50 -3.20
N PHE B 263 -2.27 26.03 -2.50
CA PHE B 263 -1.66 25.32 -1.38
C PHE B 263 -2.66 24.95 -0.29
N PRO B 264 -2.73 23.65 0.06
CA PRO B 264 -3.62 23.13 1.09
C PRO B 264 -3.24 23.51 2.51
N GLN B 265 -3.23 24.80 2.81
CA GLN B 265 -2.89 25.25 4.16
C GLN B 265 -3.90 26.30 4.62
N ASP B 266 -4.31 26.21 5.87
CA ASP B 266 -5.27 27.15 6.41
C ASP B 266 -6.51 27.17 5.51
N ILE B 267 -6.98 25.98 5.17
CA ILE B 267 -8.15 25.83 4.32
C ILE B 267 -9.39 26.42 4.98
N PRO B 268 -10.19 27.18 4.21
CA PRO B 268 -11.41 27.83 4.68
C PRO B 268 -12.41 26.87 5.33
N ARG B 269 -12.80 27.17 6.56
CA ARG B 269 -13.75 26.36 7.30
C ARG B 269 -15.15 26.97 7.12
N LEU B 270 -16.18 26.14 7.03
CA LEU B 270 -17.53 26.66 6.86
C LEU B 270 -18.57 25.69 7.39
N THR B 271 -19.33 26.14 8.37
CA THR B 271 -20.37 25.32 8.99
C THR B 271 -21.43 24.90 7.98
N HIS B 272 -21.91 23.67 8.12
CA HIS B 272 -22.95 23.14 7.25
C HIS B 272 -24.18 24.03 7.31
N ALA B 273 -24.28 24.84 8.37
CA ALA B 273 -25.41 25.74 8.53
C ALA B 273 -25.14 27.04 7.78
N GLU B 274 -23.90 27.53 7.88
CA GLU B 274 -23.51 28.77 7.21
C GLU B 274 -23.44 28.55 5.71
N ALA B 275 -23.07 27.34 5.30
CA ALA B 275 -22.96 27.00 3.89
C ALA B 275 -24.34 26.71 3.29
N LYS B 276 -25.23 26.18 4.12
CA LYS B 276 -26.58 25.83 3.69
C LYS B 276 -27.36 27.09 3.32
N ARG B 277 -27.03 28.21 3.96
CA ARG B 277 -27.71 29.47 3.69
C ARG B 277 -27.06 30.21 2.53
N ILE B 278 -25.75 30.08 2.39
CA ILE B 278 -25.02 30.73 1.31
C ILE B 278 -25.59 30.22 -0.02
N LEU B 279 -26.03 28.97 -0.02
CA LEU B 279 -26.61 28.37 -1.21
C LEU B 279 -27.98 28.95 -1.53
N LYS B 280 -28.72 29.28 -0.49
CA LYS B 280 -30.06 29.83 -0.64
C LYS B 280 -30.11 31.35 -0.75
N GLU B 281 -29.53 32.01 0.25
CA GLU B 281 -29.50 33.47 0.31
C GLU B 281 -28.50 34.18 -0.60
N GLU B 282 -27.56 33.45 -1.18
CA GLU B 282 -26.59 34.09 -2.07
C GLU B 282 -26.44 33.38 -3.40
N LEU B 283 -26.66 32.07 -3.43
CA LEU B 283 -26.51 31.33 -4.67
C LEU B 283 -27.85 30.94 -5.30
N GLY B 284 -28.87 30.76 -4.46
CA GLY B 284 -30.19 30.42 -4.96
C GLY B 284 -30.42 28.97 -5.38
N TYR B 285 -29.90 28.03 -4.61
CA TYR B 285 -30.09 26.61 -4.93
C TYR B 285 -30.88 25.98 -3.78
N PRO B 286 -31.99 25.28 -4.11
CA PRO B 286 -32.83 24.63 -3.10
C PRO B 286 -32.09 23.56 -2.30
N VAL B 287 -31.23 24.00 -1.37
CA VAL B 287 -30.48 23.06 -0.54
C VAL B 287 -31.44 22.29 0.36
N GLY B 288 -31.42 20.97 0.25
CA GLY B 288 -32.31 20.15 1.04
C GLY B 288 -31.77 19.56 2.33
N GLN B 289 -32.17 18.33 2.60
CA GLN B 289 -31.77 17.59 3.79
C GLN B 289 -30.28 17.73 4.09
N ASP B 290 -29.45 17.32 3.14
CA ASP B 290 -28.00 17.40 3.29
C ASP B 290 -27.41 17.80 1.94
N LEU B 291 -26.30 18.53 1.99
CA LEU B 291 -25.63 18.99 0.78
C LEU B 291 -25.65 17.94 -0.33
N SER B 292 -25.82 18.40 -1.57
CA SER B 292 -25.86 17.49 -2.71
C SER B 292 -24.62 17.67 -3.58
N GLU B 293 -24.54 16.90 -4.66
CA GLU B 293 -23.40 16.98 -5.56
C GLU B 293 -23.33 18.39 -6.12
N GLU B 294 -24.47 18.88 -6.60
CA GLU B 294 -24.54 20.21 -7.17
C GLU B 294 -24.40 21.27 -6.07
N ALA B 295 -24.95 20.97 -4.90
CA ALA B 295 -24.87 21.89 -3.77
C ALA B 295 -23.42 22.12 -3.38
N GLU B 296 -22.65 21.02 -3.35
CA GLU B 296 -21.24 21.06 -2.99
C GLU B 296 -20.42 21.69 -4.11
N ARG B 297 -20.84 21.44 -5.34
CA ARG B 297 -20.17 21.98 -6.51
C ARG B 297 -20.28 23.50 -6.51
N LEU B 298 -21.45 24.02 -6.12
CA LEU B 298 -21.67 25.46 -6.06
C LEU B 298 -20.84 26.09 -4.96
N LEU B 299 -20.66 25.37 -3.86
CA LEU B 299 -19.87 25.87 -2.76
C LEU B 299 -18.40 25.96 -3.19
N GLY B 300 -18.00 25.03 -4.06
CA GLY B 300 -16.63 25.04 -4.54
C GLY B 300 -16.30 26.34 -5.25
N GLU B 301 -17.17 26.72 -6.18
CA GLU B 301 -17.00 27.96 -6.92
C GLU B 301 -16.95 29.14 -5.95
N TYR B 302 -17.87 29.11 -4.98
CA TYR B 302 -17.97 30.15 -3.96
C TYR B 302 -16.61 30.41 -3.30
N ALA B 303 -16.05 29.36 -2.70
CA ALA B 303 -14.78 29.44 -2.01
C ALA B 303 -13.64 29.87 -2.94
N LYS B 304 -13.65 29.35 -4.16
CA LYS B 304 -12.62 29.69 -5.12
C LYS B 304 -12.58 31.19 -5.39
N GLU B 305 -13.76 31.82 -5.39
CA GLU B 305 -13.86 33.25 -5.65
C GLU B 305 -13.63 34.09 -4.39
N ARG B 306 -14.10 33.57 -3.25
CA ARG B 306 -13.97 34.29 -1.99
C ARG B 306 -12.56 34.35 -1.41
N TRP B 307 -11.92 33.20 -1.25
CA TRP B 307 -10.57 33.11 -0.68
C TRP B 307 -9.52 32.67 -1.70
N GLY B 308 -9.97 32.37 -2.92
CA GLY B 308 -9.04 31.92 -3.94
C GLY B 308 -8.46 30.56 -3.56
N SER B 309 -9.31 29.71 -2.99
CA SER B 309 -8.92 28.39 -2.54
C SER B 309 -9.68 27.29 -3.28
N ASP B 310 -8.94 26.27 -3.70
CA ASP B 310 -9.52 25.13 -4.41
C ASP B 310 -10.13 24.17 -3.41
N TRP B 311 -9.84 24.40 -2.13
CA TRP B 311 -10.33 23.55 -1.05
C TRP B 311 -11.31 24.24 -0.12
N LEU B 312 -12.22 23.45 0.46
CA LEU B 312 -13.21 23.98 1.37
C LEU B 312 -13.69 22.95 2.39
N PHE B 313 -13.48 23.25 3.67
CA PHE B 313 -13.91 22.35 4.74
C PHE B 313 -15.34 22.70 5.17
N VAL B 314 -16.23 21.72 5.13
CA VAL B 314 -17.61 21.90 5.56
C VAL B 314 -17.71 21.23 6.93
N THR B 315 -17.82 22.03 7.98
CA THR B 315 -17.87 21.53 9.34
C THR B 315 -19.25 21.52 9.99
N ARG B 316 -19.34 20.86 11.15
CA ARG B 316 -20.56 20.74 11.95
C ARG B 316 -21.80 20.31 11.17
N TYR B 317 -21.94 19.01 10.95
CA TYR B 317 -23.11 18.48 10.24
C TYR B 317 -24.18 18.07 11.25
N PRO B 318 -25.46 18.09 10.85
CA PRO B 318 -26.58 17.72 11.73
C PRO B 318 -26.47 16.25 12.14
N ARG B 319 -26.69 15.98 13.43
CA ARG B 319 -26.60 14.60 13.91
C ARG B 319 -27.40 13.63 13.04
N SER B 320 -28.51 14.10 12.48
CA SER B 320 -29.37 13.26 11.65
C SER B 320 -28.71 12.85 10.33
N VAL B 321 -27.66 13.57 9.94
CA VAL B 321 -26.96 13.28 8.70
C VAL B 321 -25.79 12.32 8.88
N ARG B 322 -25.10 12.43 10.02
CA ARG B 322 -23.96 11.57 10.32
C ARG B 322 -24.34 10.34 11.12
N PRO B 323 -23.56 9.25 10.97
CA PRO B 323 -23.81 7.99 11.68
C PRO B 323 -23.93 8.18 13.20
N PHE B 324 -24.38 7.13 13.89
CA PHE B 324 -24.55 7.20 15.33
C PHE B 324 -23.24 7.25 16.10
N TYR B 325 -22.14 6.90 15.43
CA TYR B 325 -20.83 6.91 16.09
C TYR B 325 -20.12 8.26 16.01
N THR B 326 -20.76 9.22 15.36
CA THR B 326 -20.17 10.54 15.21
C THR B 326 -20.34 11.32 16.53
N TYR B 327 -19.23 11.78 17.09
CA TYR B 327 -19.24 12.53 18.34
C TYR B 327 -20.24 13.67 18.24
N PRO B 328 -21.31 13.63 19.06
CA PRO B 328 -22.36 14.65 19.08
C PRO B 328 -21.91 15.98 19.67
N GLU B 329 -22.52 17.06 19.20
CA GLU B 329 -22.23 18.39 19.69
C GLU B 329 -23.54 18.84 20.33
N GLU B 330 -23.46 19.70 21.34
CA GLU B 330 -24.69 20.14 21.99
C GLU B 330 -25.27 21.41 21.37
N ASP B 331 -25.80 21.25 20.17
CA ASP B 331 -26.42 22.33 19.41
C ASP B 331 -27.02 21.66 18.18
N GLY B 332 -27.08 20.33 18.25
CA GLY B 332 -27.64 19.55 17.18
C GLY B 332 -26.61 19.03 16.18
N THR B 333 -25.45 19.66 16.14
CA THR B 333 -24.39 19.27 15.21
C THR B 333 -23.54 18.10 15.69
N THR B 334 -22.41 17.91 15.02
CA THR B 334 -21.46 16.85 15.35
C THR B 334 -20.05 17.31 15.00
N ARG B 335 -19.06 16.63 15.55
CA ARG B 335 -17.66 16.97 15.28
C ARG B 335 -17.18 16.28 14.01
N SER B 336 -17.97 16.43 12.94
CA SER B 336 -17.64 15.83 11.65
C SER B 336 -17.30 16.91 10.64
N PHE B 337 -16.71 16.50 9.52
CA PHE B 337 -16.34 17.43 8.46
C PHE B 337 -16.16 16.71 7.11
N ASP B 338 -16.32 17.48 6.04
CA ASP B 338 -16.18 16.97 4.68
C ASP B 338 -15.25 17.92 3.96
N LEU B 339 -14.34 17.38 3.15
CA LEU B 339 -13.42 18.24 2.42
C LEU B 339 -13.87 18.33 0.97
N LEU B 340 -14.03 19.55 0.47
CA LEU B 340 -14.44 19.76 -0.89
C LEU B 340 -13.24 20.22 -1.69
N PHE B 341 -12.93 19.49 -2.75
CA PHE B 341 -11.79 19.84 -3.60
C PHE B 341 -12.32 20.19 -4.97
N ARG B 342 -12.19 21.45 -5.34
CA ARG B 342 -12.66 21.92 -6.64
C ARG B 342 -14.11 21.49 -6.91
N GLY B 343 -14.94 21.51 -5.88
CA GLY B 343 -16.34 21.16 -6.04
C GLY B 343 -16.73 19.73 -5.76
N LEU B 344 -15.74 18.86 -5.58
CA LEU B 344 -16.03 17.46 -5.31
C LEU B 344 -15.61 17.06 -3.89
N GLU B 345 -16.43 16.22 -3.27
CA GLU B 345 -16.13 15.75 -1.93
C GLU B 345 -15.07 14.65 -2.03
N ILE B 346 -13.88 14.94 -1.51
CA ILE B 346 -12.79 13.96 -1.56
C ILE B 346 -12.47 13.43 -0.17
N THR B 347 -13.20 13.90 0.84
CA THR B 347 -12.95 13.45 2.20
C THR B 347 -14.18 13.56 3.07
N SER B 348 -14.31 12.62 4.00
CA SER B 348 -15.42 12.61 4.92
C SER B 348 -14.98 11.93 6.20
N GLY B 349 -15.05 12.66 7.31
CA GLY B 349 -14.65 12.09 8.58
C GLY B 349 -15.00 12.97 9.77
N GLY B 350 -14.40 12.67 10.91
CA GLY B 350 -14.66 13.45 12.11
C GLY B 350 -14.36 12.64 13.35
N GLN B 351 -14.54 13.25 14.52
CA GLN B 351 -14.30 12.55 15.77
C GLN B 351 -15.44 11.57 16.02
N ARG B 352 -15.12 10.41 16.61
CA ARG B 352 -16.12 9.40 16.91
C ARG B 352 -16.40 9.44 18.41
N ILE B 353 -17.35 8.62 18.86
CA ILE B 353 -17.71 8.54 20.28
C ILE B 353 -16.90 7.39 20.90
N HIS B 354 -16.25 7.66 22.02
CA HIS B 354 -15.41 6.65 22.68
C HIS B 354 -16.01 6.05 23.95
N ARG B 355 -16.93 6.76 24.57
CA ARG B 355 -17.55 6.27 25.80
C ARG B 355 -18.70 5.31 25.49
N TYR B 356 -18.67 4.17 26.15
CA TYR B 356 -19.70 3.16 25.97
C TYR B 356 -21.08 3.73 26.22
N GLU B 357 -21.23 4.39 27.37
CA GLU B 357 -22.51 4.99 27.73
C GLU B 357 -23.03 5.93 26.65
N GLU B 358 -22.14 6.77 26.11
CA GLU B 358 -22.52 7.72 25.09
C GLU B 358 -23.00 7.02 23.81
N LEU B 359 -22.41 5.88 23.49
CA LEU B 359 -22.79 5.13 22.31
C LEU B 359 -24.21 4.59 22.42
N LEU B 360 -24.52 3.99 23.56
CA LEU B 360 -25.84 3.42 23.81
C LEU B 360 -26.94 4.44 23.60
N GLU B 361 -26.76 5.63 24.18
CA GLU B 361 -27.75 6.67 24.08
C GLU B 361 -28.03 7.10 22.63
N SER B 362 -27.00 7.56 21.93
CA SER B 362 -27.17 8.01 20.54
C SER B 362 -27.76 6.96 19.60
N LEU B 363 -27.50 5.68 19.89
CA LEU B 363 -28.03 4.61 19.04
C LEU B 363 -29.56 4.64 19.11
N LYS B 364 -30.08 4.81 20.34
CA LYS B 364 -31.51 4.87 20.58
C LYS B 364 -32.07 6.10 19.89
N ALA B 365 -31.39 7.24 20.03
CA ALA B 365 -31.83 8.46 19.41
C ALA B 365 -31.89 8.32 17.88
N LYS B 366 -31.41 7.18 17.37
CA LYS B 366 -31.44 6.92 15.94
C LYS B 366 -32.28 5.70 15.58
N GLY B 367 -33.24 5.38 16.44
CA GLY B 367 -34.12 4.26 16.20
C GLY B 367 -33.43 3.03 15.64
N MET B 368 -32.64 2.38 16.49
CA MET B 368 -31.95 1.16 16.10
C MET B 368 -31.64 0.40 17.39
N ASP B 369 -31.96 -0.89 17.38
CA ASP B 369 -31.76 -1.72 18.57
C ASP B 369 -30.31 -1.96 18.94
N PRO B 370 -29.92 -1.51 20.15
CA PRO B 370 -28.58 -1.61 20.71
C PRO B 370 -28.12 -3.07 20.88
N GLU B 371 -29.07 -4.00 20.89
CA GLU B 371 -28.73 -5.40 21.06
C GLU B 371 -28.06 -5.95 19.79
N ALA B 372 -28.25 -5.24 18.68
CA ALA B 372 -27.66 -5.64 17.41
C ALA B 372 -26.22 -5.17 17.32
N PHE B 373 -25.90 -4.14 18.11
CA PHE B 373 -24.56 -3.58 18.11
C PHE B 373 -23.75 -4.03 19.33
N HIS B 374 -24.14 -5.15 19.93
CA HIS B 374 -23.45 -5.66 21.09
C HIS B 374 -22.00 -6.02 20.77
N GLY B 375 -21.78 -6.62 19.60
CA GLY B 375 -20.43 -7.00 19.21
C GLY B 375 -19.57 -5.78 18.88
N TYR B 376 -20.24 -4.67 18.58
CA TYR B 376 -19.57 -3.42 18.24
C TYR B 376 -19.27 -2.62 19.50
N LEU B 377 -20.22 -2.64 20.44
CA LEU B 377 -20.09 -1.90 21.69
C LEU B 377 -19.03 -2.46 22.64
N GLU B 378 -18.71 -3.75 22.49
CA GLU B 378 -17.73 -4.40 23.35
C GLU B 378 -16.42 -3.65 23.58
N VAL B 379 -15.66 -3.43 22.52
CA VAL B 379 -14.38 -2.75 22.66
C VAL B 379 -14.49 -1.43 23.42
N PHE B 380 -15.57 -0.69 23.21
CA PHE B 380 -15.73 0.60 23.88
C PHE B 380 -15.96 0.46 25.39
N LYS B 381 -15.79 -0.75 25.90
CA LYS B 381 -15.93 -1.01 27.32
C LYS B 381 -14.52 -1.22 27.88
N TYR B 382 -13.53 -0.79 27.11
CA TYR B 382 -12.14 -0.93 27.52
C TYR B 382 -11.31 0.33 27.29
N GLY B 383 -11.78 1.43 27.87
CA GLY B 383 -11.10 2.69 27.77
C GLY B 383 -10.63 3.16 26.41
N MET B 384 -11.48 2.98 25.39
CA MET B 384 -11.11 3.45 24.06
C MET B 384 -10.93 4.96 24.24
N PRO B 385 -9.74 5.49 23.92
CA PRO B 385 -9.45 6.91 24.06
C PRO B 385 -10.15 7.80 23.03
N PRO B 386 -10.32 9.10 23.35
CA PRO B 386 -10.96 9.98 22.38
C PRO B 386 -10.20 9.88 21.05
N HIS B 387 -10.93 9.66 19.96
CA HIS B 387 -10.28 9.50 18.68
C HIS B 387 -11.16 9.93 17.53
N GLY B 388 -10.59 9.93 16.34
CA GLY B 388 -11.32 10.32 15.15
C GLY B 388 -10.55 9.89 13.90
N GLY B 389 -11.12 10.15 12.73
CA GLY B 389 -10.46 9.77 11.51
C GLY B 389 -11.19 10.28 10.29
N PHE B 390 -10.67 9.93 9.12
CA PHE B 390 -11.25 10.35 7.86
C PHE B 390 -10.74 9.46 6.74
N ALA B 391 -11.37 9.55 5.58
CA ALA B 391 -10.98 8.75 4.43
C ALA B 391 -10.88 9.66 3.22
N ILE B 392 -9.94 9.35 2.34
CA ILE B 392 -9.74 10.15 1.14
C ILE B 392 -10.04 9.34 -0.11
N GLY B 393 -10.92 9.87 -0.94
CA GLY B 393 -11.26 9.19 -2.18
C GLY B 393 -10.11 9.39 -3.15
N ALA B 394 -9.20 8.42 -3.17
CA ALA B 394 -8.03 8.48 -4.02
C ALA B 394 -8.31 8.91 -5.46
N GLU B 395 -9.21 8.21 -6.15
CA GLU B 395 -9.51 8.56 -7.52
C GLU B 395 -10.09 9.95 -7.73
N ARG B 396 -10.96 10.39 -6.83
CA ARG B 396 -11.57 11.72 -6.97
C ARG B 396 -10.51 12.80 -6.84
N LEU B 397 -9.63 12.63 -5.88
CA LEU B 397 -8.56 13.58 -5.67
C LEU B 397 -7.74 13.67 -6.94
N THR B 398 -7.33 12.51 -7.45
CA THR B 398 -6.52 12.42 -8.66
C THR B 398 -7.25 13.03 -9.85
N GLN B 399 -8.54 12.71 -9.95
CA GLN B 399 -9.37 13.21 -11.04
C GLN B 399 -9.39 14.74 -11.06
N LYS B 400 -9.82 15.32 -9.96
CA LYS B 400 -9.91 16.76 -9.85
C LYS B 400 -8.56 17.46 -9.92
N LEU B 401 -7.51 16.80 -9.45
CA LEU B 401 -6.17 17.36 -9.47
C LEU B 401 -5.65 17.49 -10.89
N LEU B 402 -5.96 16.50 -11.72
CA LEU B 402 -5.49 16.48 -13.10
C LEU B 402 -6.47 17.02 -14.13
N GLY B 403 -7.63 17.48 -13.68
CA GLY B 403 -8.63 18.02 -14.59
C GLY B 403 -9.14 16.99 -15.57
N LEU B 404 -9.42 15.79 -15.06
CA LEU B 404 -9.90 14.72 -15.93
C LEU B 404 -11.42 14.72 -16.05
N PRO B 405 -11.94 14.24 -17.19
CA PRO B 405 -13.38 14.16 -17.46
C PRO B 405 -14.15 13.56 -16.29
N ASN B 406 -13.98 12.27 -16.06
CA ASN B 406 -14.64 11.57 -14.98
C ASN B 406 -13.67 10.74 -14.16
N VAL B 407 -14.18 10.19 -13.05
CA VAL B 407 -13.37 9.39 -12.14
C VAL B 407 -12.77 8.11 -12.71
N ARG B 408 -13.40 7.55 -13.75
CA ARG B 408 -12.92 6.32 -14.35
C ARG B 408 -11.53 6.47 -14.96
N TYR B 409 -11.14 7.71 -15.23
CA TYR B 409 -9.83 8.02 -15.81
C TYR B 409 -8.69 7.89 -14.80
N ALA B 410 -9.02 7.67 -13.54
CA ALA B 410 -8.01 7.53 -12.49
C ALA B 410 -8.02 6.10 -11.97
N ARG B 411 -8.76 5.24 -12.66
CA ARG B 411 -8.90 3.84 -12.29
C ARG B 411 -8.33 3.00 -13.45
N ALA B 412 -7.52 1.99 -13.12
CA ALA B 412 -6.91 1.14 -14.13
C ALA B 412 -7.95 0.36 -14.93
N PHE B 413 -8.80 -0.36 -14.22
CA PHE B 413 -9.85 -1.15 -14.87
C PHE B 413 -11.21 -0.88 -14.23
N PRO B 414 -11.87 0.23 -14.63
CA PRO B 414 -13.20 0.57 -14.10
C PRO B 414 -14.23 -0.52 -14.35
#